data_3KQG
#
_entry.id   3KQG
#
_cell.length_a   80.78
_cell.length_b   77.46
_cell.length_c   85.92
_cell.angle_alpha   90.00
_cell.angle_beta   94.42
_cell.angle_gamma   90.00
#
_symmetry.space_group_name_H-M   'P 1 21 1'
#
loop_
_entity.id
_entity.type
_entity.pdbx_description
1 polymer 'C-type lectin domain family 4 member K'
2 non-polymer 'CALCIUM ION'
3 water water
#
_entity_poly.entity_id   1
_entity_poly.type   'polypeptide(L)'
_entity_poly.pdbx_seq_one_letter_code
;ASTLNAQIPELKSDLEKASALNTKIRALQGSLENMSKLLKRQNDILQVVSQGWKYFKGNFYYFSLIPKTWYSAEQFCVSR
NSHLTSVTSESEQEFLYKTAGGLIYWIGLTKAGMEGDWSWVDDTPFNKVQSARFWIPGEPNNAGNNEHCGNIKAPSLQAW
NDAPCDKTFLFICKRPYVPSEP
;
_entity_poly.pdbx_strand_id   A,B,C,D,E,F
#
# COMPACT_ATOMS: atom_id res chain seq x y z
N SER A 13 23.08 -7.60 -42.44
CA SER A 13 23.41 -6.73 -43.56
C SER A 13 23.46 -5.25 -43.15
N ASP A 14 24.57 -4.60 -43.49
CA ASP A 14 24.81 -3.21 -43.05
C ASP A 14 23.79 -2.20 -43.60
N LEU A 15 23.24 -2.49 -44.78
CA LEU A 15 22.25 -1.62 -45.39
C LEU A 15 20.89 -1.81 -44.71
N GLU A 16 20.56 -3.06 -44.41
CA GLU A 16 19.30 -3.37 -43.74
C GLU A 16 19.31 -2.91 -42.27
N LYS A 17 20.47 -2.99 -41.62
CA LYS A 17 20.61 -2.54 -40.24
C LYS A 17 20.35 -1.04 -40.14
N ALA A 18 20.75 -0.30 -41.16
CA ALA A 18 20.54 1.14 -41.19
C ALA A 18 19.05 1.45 -41.36
N SER A 19 18.42 0.76 -42.31
CA SER A 19 17.00 0.92 -42.57
C SER A 19 16.19 0.64 -41.31
N ALA A 20 16.34 -0.57 -40.77
CA ALA A 20 15.65 -0.97 -39.56
C ALA A 20 15.82 0.05 -38.45
N LEU A 21 17.07 0.27 -38.04
CA LEU A 21 17.39 1.24 -37.00
C LEU A 21 16.64 2.55 -37.21
N ASN A 22 16.68 3.06 -38.43
CA ASN A 22 16.01 4.33 -38.73
C ASN A 22 14.50 4.27 -38.57
N THR A 23 13.88 3.28 -39.18
CA THR A 23 12.43 3.12 -39.10
C THR A 23 11.99 2.99 -37.64
N LYS A 24 12.82 2.34 -36.82
CA LYS A 24 12.51 2.20 -35.39
C LYS A 24 12.66 3.51 -34.63
N ILE A 25 13.69 4.29 -34.97
CA ILE A 25 13.86 5.59 -34.34
C ILE A 25 12.75 6.57 -34.73
N ARG A 26 12.37 6.58 -36.00
CA ARG A 26 11.25 7.38 -36.46
C ARG A 26 10.00 6.97 -35.69
N ALA A 27 9.87 5.67 -35.45
CA ALA A 27 8.70 5.14 -34.76
C ALA A 27 8.64 5.67 -33.34
N LEU A 28 9.75 5.53 -32.60
CA LEU A 28 9.85 6.06 -31.24
C LEU A 28 9.52 7.54 -31.20
N GLN A 29 10.01 8.29 -32.18
CA GLN A 29 9.70 9.71 -32.26
C GLN A 29 8.21 9.91 -32.43
N GLY A 30 7.59 9.15 -33.33
CA GLY A 30 6.16 9.22 -33.53
C GLY A 30 5.39 8.96 -32.24
N SER A 31 5.76 7.88 -31.55
CA SER A 31 5.10 7.50 -30.30
C SER A 31 5.30 8.53 -29.19
N LEU A 32 6.54 8.99 -29.01
CA LEU A 32 6.85 9.96 -27.97
C LEU A 32 6.00 11.22 -28.11
N GLU A 33 5.76 11.62 -29.36
CA GLU A 33 4.99 12.80 -29.66
C GLU A 33 3.50 12.55 -29.45
N ASN A 34 3.06 11.35 -29.83
CA ASN A 34 1.69 10.92 -29.61
C ASN A 34 1.38 10.85 -28.10
N MET A 35 2.33 10.32 -27.35
CA MET A 35 2.19 10.18 -25.91
C MET A 35 2.04 11.55 -25.25
N SER A 36 2.84 12.50 -25.70
CA SER A 36 2.79 13.86 -25.19
C SER A 36 1.37 14.43 -25.38
N LYS A 37 0.81 14.19 -26.55
CA LYS A 37 -0.54 14.59 -26.91
C LYS A 37 -1.56 13.97 -25.94
N LEU A 38 -1.40 12.68 -25.65
CA LEU A 38 -2.30 11.97 -24.75
C LEU A 38 -2.17 12.42 -23.28
N LEU A 39 -0.98 12.84 -22.87
CA LEU A 39 -0.81 13.36 -21.51
C LEU A 39 -1.51 14.70 -21.38
N LYS A 40 -1.49 15.47 -22.46
CA LYS A 40 -2.19 16.76 -22.49
C LYS A 40 -3.69 16.57 -22.36
N ARG A 41 -4.24 15.55 -23.01
CA ARG A 41 -5.66 15.26 -22.90
C ARG A 41 -5.97 14.86 -21.47
N GLN A 42 -5.12 14.00 -20.90
CA GLN A 42 -5.27 13.60 -19.51
C GLN A 42 -5.28 14.83 -18.64
N ASN A 43 -4.33 15.73 -18.87
CA ASN A 43 -4.22 16.92 -18.06
C ASN A 43 -5.45 17.84 -18.17
N ASP A 44 -5.99 17.97 -19.38
CA ASP A 44 -7.16 18.80 -19.60
C ASP A 44 -8.29 18.29 -18.73
N ILE A 45 -8.59 17.01 -18.87
CA ILE A 45 -9.68 16.38 -18.15
C ILE A 45 -9.43 16.42 -16.64
N LEU A 46 -8.20 16.18 -16.22
CA LEU A 46 -7.87 16.11 -14.80
C LEU A 46 -8.09 17.46 -14.13
N GLN A 47 -7.65 18.52 -14.79
CA GLN A 47 -7.76 19.87 -14.23
C GLN A 47 -9.22 20.22 -13.95
N VAL A 48 -10.11 19.83 -14.85
CA VAL A 48 -11.53 20.16 -14.69
C VAL A 48 -12.17 19.25 -13.65
N VAL A 49 -11.83 17.97 -13.68
CA VAL A 49 -12.33 17.05 -12.66
C VAL A 49 -11.79 17.43 -11.28
N SER A 50 -10.54 17.90 -11.22
CA SER A 50 -9.96 18.37 -9.96
C SER A 50 -10.68 19.61 -9.44
N GLN A 51 -11.70 20.06 -10.16
CA GLN A 51 -12.39 21.29 -9.81
C GLN A 51 -13.88 21.07 -9.59
N GLY A 52 -14.24 19.83 -9.26
CA GLY A 52 -15.60 19.52 -8.87
C GLY A 52 -16.53 19.23 -10.02
N TRP A 53 -15.97 19.14 -11.23
CA TRP A 53 -16.78 18.81 -12.39
C TRP A 53 -16.65 17.33 -12.71
N LYS A 54 -17.61 16.82 -13.45
CA LYS A 54 -17.56 15.44 -13.90
C LYS A 54 -17.19 15.36 -15.37
N TYR A 55 -16.81 14.16 -15.81
CA TYR A 55 -16.46 13.95 -17.21
C TYR A 55 -17.02 12.65 -17.75
N PHE A 56 -17.59 12.71 -18.94
CA PHE A 56 -18.11 11.52 -19.58
C PHE A 56 -18.16 11.68 -21.10
N LYS A 57 -17.36 10.87 -21.79
CA LYS A 57 -17.40 10.76 -23.25
C LYS A 57 -17.44 12.11 -23.98
N GLY A 58 -16.37 12.89 -23.83
CA GLY A 58 -16.23 14.12 -24.58
C GLY A 58 -16.99 15.32 -24.06
N ASN A 59 -17.60 15.17 -22.89
CA ASN A 59 -18.32 16.28 -22.26
C ASN A 59 -18.04 16.43 -20.77
N PHE A 60 -17.96 17.66 -20.30
CA PHE A 60 -17.91 17.94 -18.88
C PHE A 60 -19.32 18.22 -18.36
N TYR A 61 -19.60 17.80 -17.13
CA TYR A 61 -20.90 18.02 -16.52
C TYR A 61 -20.73 18.63 -15.13
N TYR A 62 -21.64 19.51 -14.77
CA TYR A 62 -21.63 20.08 -13.43
C TYR A 62 -22.92 19.74 -12.70
N PHE A 63 -22.79 18.96 -11.64
CA PHE A 63 -23.91 18.61 -10.79
C PHE A 63 -23.92 19.59 -9.62
N SER A 64 -24.89 20.49 -9.62
CA SER A 64 -24.88 21.61 -8.69
C SER A 64 -25.05 21.19 -7.23
N LEU A 65 -24.64 22.08 -6.34
CA LEU A 65 -24.71 21.85 -4.90
C LEU A 65 -25.81 22.72 -4.31
N ILE A 66 -26.27 23.68 -5.10
CA ILE A 66 -27.27 24.64 -4.67
C ILE A 66 -28.47 24.56 -5.60
N PRO A 67 -29.69 24.63 -5.05
CA PRO A 67 -30.90 24.50 -5.88
C PRO A 67 -31.25 25.82 -6.53
N LYS A 68 -31.83 25.77 -7.73
CA LYS A 68 -32.29 26.98 -8.40
C LYS A 68 -33.55 26.72 -9.22
N THR A 69 -34.25 27.79 -9.60
CA THR A 69 -35.34 27.66 -10.56
C THR A 69 -34.70 27.25 -11.88
N TRP A 70 -35.52 26.81 -12.82
CA TRP A 70 -35.02 26.40 -14.11
C TRP A 70 -34.28 27.53 -14.83
N TYR A 71 -34.92 28.69 -14.93
CA TYR A 71 -34.32 29.81 -15.64
CA TYR A 71 -34.32 29.81 -15.64
C TYR A 71 -33.03 30.26 -14.98
N SER A 72 -33.00 30.25 -13.66
CA SER A 72 -31.84 30.71 -12.92
C SER A 72 -30.74 29.67 -12.98
N ALA A 73 -31.14 28.40 -13.10
CA ALA A 73 -30.18 27.32 -13.25
C ALA A 73 -29.45 27.49 -14.58
N GLU A 74 -30.22 27.67 -15.65
CA GLU A 74 -29.63 27.88 -16.98
C GLU A 74 -28.68 29.07 -16.95
N GLN A 75 -29.09 30.13 -16.26
CA GLN A 75 -28.28 31.34 -16.16
C GLN A 75 -26.92 31.04 -15.54
N PHE A 76 -26.92 30.26 -14.47
CA PHE A 76 -25.68 29.88 -13.82
C PHE A 76 -24.78 29.13 -14.78
N CYS A 77 -25.35 28.16 -15.48
CA CYS A 77 -24.61 27.37 -16.45
C CYS A 77 -23.92 28.28 -17.46
N VAL A 78 -24.70 29.17 -18.07
CA VAL A 78 -24.14 30.11 -19.03
C VAL A 78 -22.93 30.84 -18.45
N SER A 79 -22.99 31.19 -17.17
CA SER A 79 -21.88 31.87 -16.51
C SER A 79 -20.66 30.97 -16.41
N ARG A 80 -20.87 29.66 -16.45
CA ARG A 80 -19.77 28.71 -16.42
C ARG A 80 -19.57 28.14 -17.83
N ASN A 81 -19.88 28.97 -18.82
CA ASN A 81 -19.69 28.62 -20.22
C ASN A 81 -20.33 27.29 -20.64
N SER A 82 -21.54 27.03 -20.16
CA SER A 82 -22.25 25.81 -20.55
C SER A 82 -23.77 26.04 -20.61
N HIS A 83 -24.53 24.95 -20.62
CA HIS A 83 -25.98 25.00 -20.64
C HIS A 83 -26.53 23.87 -19.78
N LEU A 84 -27.77 23.98 -19.35
CA LEU A 84 -28.45 22.83 -18.79
C LEU A 84 -28.27 21.68 -19.78
N THR A 85 -27.94 20.51 -19.25
CA THR A 85 -27.55 19.40 -20.11
C THR A 85 -28.68 18.89 -21.00
N SER A 86 -28.31 18.50 -22.21
CA SER A 86 -29.21 17.80 -23.11
C SER A 86 -28.94 16.31 -22.96
N VAL A 87 -29.84 15.48 -23.48
CA VAL A 87 -29.62 14.04 -23.52
C VAL A 87 -29.63 13.54 -24.96
N THR A 88 -28.48 13.09 -25.44
CA THR A 88 -28.33 12.76 -26.85
C THR A 88 -28.28 11.26 -27.14
N SER A 89 -28.15 10.46 -26.10
CA SER A 89 -28.09 9.01 -26.26
C SER A 89 -28.49 8.28 -24.99
N GLU A 90 -28.73 6.97 -25.12
CA GLU A 90 -29.02 6.14 -23.95
C GLU A 90 -27.84 6.15 -23.01
N SER A 91 -26.64 6.05 -23.55
CA SER A 91 -25.46 6.02 -22.70
C SER A 91 -25.37 7.27 -21.83
N GLU A 92 -25.65 8.42 -22.43
CA GLU A 92 -25.65 9.68 -21.66
C GLU A 92 -26.80 9.73 -20.63
N GLN A 93 -27.98 9.28 -21.02
CA GLN A 93 -29.09 9.18 -20.08
C GLN A 93 -28.71 8.34 -18.85
N GLU A 94 -28.11 7.18 -19.12
CA GLU A 94 -27.69 6.28 -18.05
C GLU A 94 -26.62 6.92 -17.16
N PHE A 95 -25.64 7.58 -17.77
CA PHE A 95 -24.63 8.29 -17.01
C PHE A 95 -25.26 9.35 -16.12
N LEU A 96 -26.24 10.05 -16.66
CA LEU A 96 -26.92 11.12 -15.95
C LEU A 96 -27.75 10.63 -14.75
N TYR A 97 -28.60 9.63 -14.98
CA TYR A 97 -29.46 9.18 -13.89
C TYR A 97 -28.65 8.45 -12.83
N LYS A 98 -27.69 7.64 -13.24
CA LYS A 98 -26.84 6.96 -12.26
C LYS A 98 -26.01 7.94 -11.46
N THR A 99 -25.49 8.99 -12.11
CA THR A 99 -24.66 9.94 -11.39
C THR A 99 -25.53 10.88 -10.53
N ALA A 100 -26.81 10.99 -10.89
CA ALA A 100 -27.75 11.82 -10.12
C ALA A 100 -27.86 11.28 -8.69
N GLY A 101 -27.54 10.00 -8.50
CA GLY A 101 -27.46 9.43 -7.17
C GLY A 101 -28.77 9.43 -6.39
N GLY A 102 -29.89 9.54 -7.10
CA GLY A 102 -31.19 9.51 -6.46
C GLY A 102 -31.72 10.90 -6.18
N LEU A 103 -30.90 11.90 -6.46
CA LEU A 103 -31.33 13.28 -6.28
C LEU A 103 -32.00 13.78 -7.55
N ILE A 104 -32.83 14.82 -7.41
CA ILE A 104 -33.53 15.42 -8.54
C ILE A 104 -32.75 16.61 -9.09
N TYR A 105 -32.50 16.61 -10.38
CA TYR A 105 -31.75 17.66 -11.04
C TYR A 105 -32.49 18.18 -12.27
N TRP A 106 -32.56 19.51 -12.40
CA TRP A 106 -33.03 20.14 -13.62
C TRP A 106 -32.11 19.75 -14.76
N ILE A 107 -32.67 19.56 -15.95
CA ILE A 107 -31.88 19.45 -17.16
C ILE A 107 -32.38 20.43 -18.22
N GLY A 108 -31.86 20.29 -19.44
CA GLY A 108 -32.13 21.26 -20.49
C GLY A 108 -33.48 21.14 -21.18
N LEU A 109 -34.36 20.30 -20.63
CA LEU A 109 -35.69 20.12 -21.19
C LEU A 109 -36.56 21.35 -20.97
N THR A 110 -37.14 21.86 -22.05
CA THR A 110 -37.94 23.06 -21.99
C THR A 110 -39.09 23.04 -22.99
N LYS A 111 -40.27 23.44 -22.54
CA LYS A 111 -41.46 23.42 -23.38
C LYS A 111 -41.85 24.85 -23.74
N ALA A 112 -42.15 25.10 -25.01
CA ALA A 112 -42.56 26.42 -25.46
C ALA A 112 -43.99 26.76 -25.01
N GLY A 113 -44.14 27.07 -23.73
CA GLY A 113 -45.44 27.43 -23.18
C GLY A 113 -46.48 26.34 -23.37
N MET A 114 -47.74 26.71 -23.20
CA MET A 114 -48.83 25.76 -23.38
C MET A 114 -48.81 25.21 -24.80
N GLU A 115 -49.04 23.91 -24.93
CA GLU A 115 -49.12 23.27 -26.23
C GLU A 115 -47.83 23.37 -27.06
N GLY A 116 -46.81 24.03 -26.51
CA GLY A 116 -45.53 24.11 -27.20
C GLY A 116 -44.84 22.76 -27.24
N ASP A 117 -43.92 22.58 -28.18
CA ASP A 117 -43.14 21.36 -28.24
C ASP A 117 -42.02 21.37 -27.20
N TRP A 118 -41.44 20.20 -26.95
CA TRP A 118 -40.31 20.12 -26.04
C TRP A 118 -39.03 20.33 -26.83
N SER A 119 -38.08 21.05 -26.24
CA SER A 119 -36.78 21.27 -26.89
C SER A 119 -35.65 21.32 -25.88
N TRP A 120 -34.41 21.31 -26.39
CA TRP A 120 -33.23 21.39 -25.54
C TRP A 120 -32.69 22.82 -25.53
N VAL A 121 -32.36 23.31 -24.34
CA VAL A 121 -31.88 24.68 -24.23
C VAL A 121 -30.52 24.88 -24.90
N ASP A 122 -29.79 23.79 -25.13
CA ASP A 122 -28.49 23.91 -25.79
C ASP A 122 -28.62 23.68 -27.30
N ASP A 123 -29.87 23.66 -27.78
CA ASP A 123 -30.19 23.59 -29.21
C ASP A 123 -30.01 22.21 -29.85
N THR A 124 -29.61 21.24 -29.05
CA THR A 124 -29.61 19.86 -29.50
C THR A 124 -31.01 19.54 -30.01
N PRO A 125 -31.09 18.94 -31.20
CA PRO A 125 -32.41 18.62 -31.75
C PRO A 125 -33.14 17.64 -30.85
N PHE A 126 -34.43 17.86 -30.63
CA PHE A 126 -35.21 16.99 -29.75
C PHE A 126 -35.78 15.80 -30.51
N ASN A 127 -35.32 14.61 -30.17
CA ASN A 127 -35.82 13.41 -30.84
C ASN A 127 -37.10 12.90 -30.20
N LYS A 128 -38.24 13.26 -30.79
CA LYS A 128 -39.54 12.91 -30.23
C LYS A 128 -39.66 11.40 -30.05
N VAL A 129 -39.10 10.64 -30.98
CA VAL A 129 -39.14 9.19 -30.93
C VAL A 129 -38.34 8.65 -29.75
N GLN A 130 -37.03 8.85 -29.81
CA GLN A 130 -36.13 8.43 -28.74
C GLN A 130 -36.62 8.88 -27.37
N SER A 131 -36.95 10.17 -27.27
CA SER A 131 -37.32 10.77 -25.99
C SER A 131 -38.44 10.01 -25.27
N ALA A 132 -39.33 9.40 -26.04
CA ALA A 132 -40.44 8.63 -25.49
C ALA A 132 -40.01 7.71 -24.34
N ARG A 133 -38.83 7.11 -24.48
CA ARG A 133 -38.37 6.10 -23.53
C ARG A 133 -37.48 6.69 -22.43
N PHE A 134 -37.43 8.01 -22.35
CA PHE A 134 -36.63 8.65 -21.31
C PHE A 134 -37.52 9.31 -20.26
N TRP A 135 -38.80 9.48 -20.58
CA TRP A 135 -39.77 9.99 -19.62
C TRP A 135 -40.16 8.90 -18.64
N ILE A 136 -40.44 9.31 -17.39
CA ILE A 136 -41.10 8.43 -16.43
C ILE A 136 -42.43 8.05 -17.05
N PRO A 137 -42.88 6.81 -16.83
CA PRO A 137 -44.17 6.41 -17.39
C PRO A 137 -45.28 7.37 -16.95
N GLY A 138 -45.95 8.00 -17.92
CA GLY A 138 -47.03 8.91 -17.60
C GLY A 138 -46.68 10.36 -17.81
N GLU A 139 -45.38 10.66 -17.85
CA GLU A 139 -44.89 12.00 -18.14
C GLU A 139 -44.64 12.10 -19.64
N PRO A 140 -44.68 13.32 -20.20
CA PRO A 140 -45.02 14.57 -19.52
C PRO A 140 -46.51 14.64 -19.21
N ASN A 141 -46.86 15.06 -17.99
CA ASN A 141 -48.27 15.06 -17.58
C ASN A 141 -48.83 16.46 -17.38
N ASN A 142 -47.96 17.46 -17.39
CA ASN A 142 -48.37 18.85 -17.28
C ASN A 142 -49.39 19.08 -16.16
N ALA A 143 -49.05 18.60 -14.97
CA ALA A 143 -49.90 18.78 -13.81
C ALA A 143 -50.07 20.26 -13.50
N GLY A 144 -51.27 20.77 -13.77
CA GLY A 144 -51.58 22.17 -13.52
C GLY A 144 -51.36 23.05 -14.73
N ASN A 145 -51.16 22.44 -15.89
CA ASN A 145 -50.87 23.20 -17.10
C ASN A 145 -49.74 24.17 -16.82
N ASN A 146 -48.85 23.75 -15.92
CA ASN A 146 -47.87 24.63 -15.30
C ASN A 146 -46.44 24.18 -15.62
N GLU A 147 -46.30 22.90 -15.94
CA GLU A 147 -44.99 22.26 -16.00
C GLU A 147 -44.34 22.43 -17.37
N HIS A 148 -43.54 23.48 -17.50
CA HIS A 148 -42.90 23.78 -18.77
C HIS A 148 -41.41 23.48 -18.78
N CYS A 149 -40.95 22.66 -17.83
CA CYS A 149 -39.54 22.31 -17.71
C CYS A 149 -39.34 20.86 -17.29
N GLY A 150 -38.15 20.32 -17.57
CA GLY A 150 -37.88 18.91 -17.31
C GLY A 150 -36.73 18.67 -16.37
N ASN A 151 -36.83 17.63 -15.55
CA ASN A 151 -35.76 17.27 -14.62
C ASN A 151 -35.54 15.77 -14.59
N ILE A 152 -34.34 15.36 -14.17
CA ILE A 152 -34.06 13.96 -13.91
C ILE A 152 -34.55 13.62 -12.50
N LYS A 153 -35.38 12.60 -12.41
CA LYS A 153 -36.06 12.32 -11.15
C LYS A 153 -35.88 10.89 -10.70
N ALA A 154 -36.34 9.95 -11.51
CA ALA A 154 -36.29 8.54 -11.18
C ALA A 154 -34.93 7.94 -11.54
N PRO A 155 -34.42 7.03 -10.69
CA PRO A 155 -33.15 6.31 -10.91
C PRO A 155 -33.31 5.21 -11.96
N SER A 156 -33.61 5.61 -13.20
CA SER A 156 -33.82 4.66 -14.27
C SER A 156 -33.66 5.36 -15.61
N LEU A 157 -33.61 4.61 -16.70
CA LEU A 157 -33.58 5.22 -18.02
C LEU A 157 -34.85 6.02 -18.27
N GLN A 158 -35.96 5.55 -17.71
CA GLN A 158 -37.20 6.33 -17.72
C GLN A 158 -37.16 7.27 -16.52
N ALA A 159 -36.48 8.40 -16.68
CA ALA A 159 -36.13 9.25 -15.55
C ALA A 159 -36.79 10.63 -15.53
N TRP A 160 -37.23 11.12 -16.69
CA TRP A 160 -37.66 12.51 -16.80
C TRP A 160 -39.03 12.80 -16.21
N ASN A 161 -39.13 13.92 -15.50
CA ASN A 161 -40.41 14.45 -15.08
C ASN A 161 -40.56 15.89 -15.53
N ASP A 162 -41.76 16.29 -15.93
CA ASP A 162 -41.99 17.70 -16.20
C ASP A 162 -42.56 18.36 -14.95
N ALA A 163 -42.02 19.55 -14.66
CA ALA A 163 -42.33 20.24 -13.41
C ALA A 163 -42.40 21.73 -13.71
N PRO A 164 -43.04 22.50 -12.83
CA PRO A 164 -43.13 23.96 -12.99
C PRO A 164 -41.74 24.60 -12.92
N CYS A 165 -41.47 25.52 -13.83
CA CYS A 165 -40.12 26.08 -14.00
C CYS A 165 -39.64 26.91 -12.80
N ASP A 166 -40.55 27.30 -11.92
CA ASP A 166 -40.19 28.11 -10.75
C ASP A 166 -39.88 27.26 -9.50
N LYS A 167 -40.02 25.95 -9.63
CA LYS A 167 -39.56 25.04 -8.59
C LYS A 167 -38.04 25.13 -8.50
N THR A 168 -37.49 24.98 -7.30
CA THR A 168 -36.04 24.98 -7.12
C THR A 168 -35.48 23.59 -6.93
N PHE A 169 -34.61 23.18 -7.86
CA PHE A 169 -33.91 21.89 -7.76
C PHE A 169 -32.43 22.10 -8.00
N LEU A 170 -31.64 21.09 -7.67
CA LEU A 170 -30.26 21.05 -8.10
C LEU A 170 -30.31 20.91 -9.61
N PHE A 171 -29.21 21.20 -10.30
CA PHE A 171 -29.25 21.19 -11.75
C PHE A 171 -27.95 20.66 -12.33
N ILE A 172 -28.03 20.25 -13.59
CA ILE A 172 -26.89 19.68 -14.28
C ILE A 172 -26.50 20.50 -15.49
N CYS A 173 -25.30 21.07 -15.45
CA CYS A 173 -24.72 21.77 -16.59
C CYS A 173 -23.92 20.81 -17.46
N LYS A 174 -23.75 21.17 -18.73
CA LYS A 174 -22.97 20.36 -19.65
C LYS A 174 -22.21 21.23 -20.67
N ARG A 175 -20.94 20.92 -20.90
CA ARG A 175 -20.17 21.63 -21.92
C ARG A 175 -19.14 20.71 -22.55
N PRO A 176 -18.90 20.88 -23.87
CA PRO A 176 -18.02 19.97 -24.63
C PRO A 176 -16.60 20.07 -24.13
N TYR A 177 -15.91 18.94 -24.02
CA TYR A 177 -14.47 19.00 -23.82
C TYR A 177 -13.85 19.36 -25.16
N VAL A 178 -13.25 20.55 -25.23
CA VAL A 178 -12.47 20.95 -26.38
C VAL A 178 -11.00 21.06 -25.99
N PRO A 179 -10.17 20.14 -26.49
CA PRO A 179 -8.76 20.01 -26.14
C PRO A 179 -7.99 21.32 -26.33
N SER A 180 -7.07 21.59 -25.42
CA SER A 180 -6.28 22.83 -25.46
C SER A 180 -5.17 22.78 -26.50
N GLU A 181 -4.95 21.61 -27.10
CA GLU A 181 -3.86 21.37 -28.07
C GLU A 181 -3.08 22.62 -28.45
N LEU B 21 22.68 10.07 -34.98
CA LEU B 21 23.66 9.44 -34.11
C LEU B 21 23.26 9.64 -32.65
N ASN B 22 24.17 9.32 -31.73
CA ASN B 22 23.93 9.50 -30.30
C ASN B 22 23.27 10.84 -30.01
N THR B 23 23.65 11.84 -30.79
CA THR B 23 23.10 13.19 -30.68
C THR B 23 21.58 13.18 -30.49
N LYS B 24 20.88 12.52 -31.41
CA LYS B 24 19.43 12.54 -31.43
C LYS B 24 18.84 11.44 -30.55
N ILE B 25 19.70 10.54 -30.08
CA ILE B 25 19.27 9.46 -29.19
C ILE B 25 19.04 9.98 -27.78
N ARG B 26 19.98 10.77 -27.27
CA ARG B 26 19.85 11.33 -25.94
C ARG B 26 18.73 12.36 -25.93
N ALA B 27 18.27 12.71 -27.13
CA ALA B 27 17.13 13.61 -27.28
C ALA B 27 15.85 12.86 -26.93
N LEU B 28 15.67 11.71 -27.54
CA LEU B 28 14.55 10.84 -27.21
C LEU B 28 14.64 10.47 -25.74
N GLN B 29 15.85 10.19 -25.27
CA GLN B 29 16.08 9.86 -23.86
C GLN B 29 15.52 10.96 -22.96
N GLY B 30 15.91 12.21 -23.24
CA GLY B 30 15.47 13.34 -22.48
C GLY B 30 13.96 13.53 -22.48
N SER B 31 13.38 13.69 -23.67
CA SER B 31 11.95 13.94 -23.77
C SER B 31 11.16 12.83 -23.06
N LEU B 32 11.72 11.63 -23.09
CA LEU B 32 11.08 10.47 -22.48
C LEU B 32 11.06 10.57 -20.96
N GLU B 33 12.19 10.95 -20.36
CA GLU B 33 12.24 11.12 -18.91
C GLU B 33 11.39 12.31 -18.47
N ASN B 34 11.21 13.28 -19.36
CA ASN B 34 10.35 14.43 -19.09
C ASN B 34 8.87 14.04 -18.99
N MET B 35 8.43 13.18 -19.90
CA MET B 35 7.05 12.69 -19.85
C MET B 35 6.82 11.84 -18.62
N SER B 36 7.79 10.97 -18.31
CA SER B 36 7.73 10.16 -17.10
C SER B 36 7.46 11.04 -15.88
N LYS B 37 8.18 12.15 -15.79
CA LYS B 37 7.98 13.07 -14.68
C LYS B 37 6.59 13.70 -14.74
N LEU B 38 6.16 14.02 -15.95
CA LEU B 38 4.84 14.63 -16.15
C LEU B 38 3.75 13.63 -15.77
N LEU B 39 3.96 12.38 -16.16
CA LEU B 39 2.99 11.34 -15.87
C LEU B 39 2.92 11.01 -14.38
N LYS B 40 4.08 10.98 -13.73
CA LYS B 40 4.13 10.77 -12.28
C LYS B 40 3.34 11.86 -11.57
N ARG B 41 3.55 13.10 -12.00
CA ARG B 41 2.91 14.25 -11.40
C ARG B 41 1.38 14.19 -11.55
N GLN B 42 0.92 13.75 -12.72
CA GLN B 42 -0.52 13.61 -12.94
C GLN B 42 -1.09 12.52 -12.05
N ASN B 43 -0.30 11.48 -11.82
CA ASN B 43 -0.72 10.41 -10.92
C ASN B 43 -0.87 10.89 -9.48
N ASP B 44 0.08 11.69 -9.00
CA ASP B 44 0.01 12.25 -7.66
C ASP B 44 -1.32 12.97 -7.47
N ILE B 45 -1.66 13.79 -8.45
CA ILE B 45 -2.89 14.58 -8.39
C ILE B 45 -4.10 13.68 -8.45
N LEU B 46 -4.09 12.73 -9.39
CA LEU B 46 -5.19 11.79 -9.53
C LEU B 46 -5.45 11.04 -8.24
N GLN B 47 -4.38 10.62 -7.56
CA GLN B 47 -4.51 9.82 -6.33
C GLN B 47 -5.24 10.59 -5.24
N VAL B 48 -4.93 11.88 -5.10
CA VAL B 48 -5.55 12.70 -4.06
C VAL B 48 -6.96 13.14 -4.45
N VAL B 49 -7.13 13.51 -5.72
CA VAL B 49 -8.44 13.87 -6.23
C VAL B 49 -9.39 12.67 -6.15
N SER B 50 -8.83 11.47 -6.23
CA SER B 50 -9.59 10.23 -6.11
C SER B 50 -10.08 9.97 -4.68
N GLN B 51 -9.62 10.79 -3.74
CA GLN B 51 -10.05 10.65 -2.35
C GLN B 51 -10.96 11.81 -1.96
N GLY B 52 -11.52 12.47 -2.98
CA GLY B 52 -12.53 13.50 -2.76
C GLY B 52 -11.97 14.89 -2.55
N TRP B 53 -10.70 15.08 -2.89
CA TRP B 53 -10.10 16.40 -2.81
C TRP B 53 -10.12 17.07 -4.18
N LYS B 54 -9.87 18.37 -4.18
CA LYS B 54 -9.79 19.15 -5.40
C LYS B 54 -8.34 19.57 -5.55
N TYR B 55 -7.96 20.02 -6.75
CA TYR B 55 -6.60 20.49 -6.98
C TYR B 55 -6.59 21.74 -7.84
N PHE B 56 -5.72 22.69 -7.49
CA PHE B 56 -5.59 23.92 -8.26
C PHE B 56 -4.24 24.59 -8.02
N LYS B 57 -3.46 24.72 -9.09
CA LYS B 57 -2.19 25.42 -9.05
C LYS B 57 -1.31 25.07 -7.84
N GLY B 58 -0.88 23.82 -7.76
CA GLY B 58 0.12 23.42 -6.78
C GLY B 58 -0.42 23.27 -5.37
N ASN B 59 -1.73 23.21 -5.23
CA ASN B 59 -2.36 23.04 -3.92
C ASN B 59 -3.56 22.10 -3.97
N PHE B 60 -3.72 21.32 -2.90
CA PHE B 60 -4.86 20.43 -2.77
C PHE B 60 -5.87 21.09 -1.84
N TYR B 61 -7.15 20.88 -2.13
CA TYR B 61 -8.22 21.56 -1.41
C TYR B 61 -9.27 20.57 -0.99
N TYR B 62 -9.83 20.77 0.19
CA TYR B 62 -10.93 19.91 0.59
C TYR B 62 -12.18 20.73 0.93
N PHE B 63 -13.24 20.51 0.14
CA PHE B 63 -14.52 21.14 0.36
C PHE B 63 -15.40 20.16 1.11
N SER B 64 -15.67 20.45 2.37
CA SER B 64 -16.31 19.47 3.26
C SER B 64 -17.77 19.19 2.91
N LEU B 65 -18.23 18.01 3.29
CA LEU B 65 -19.63 17.64 3.14
C LEU B 65 -20.34 17.84 4.46
N ILE B 66 -19.55 18.08 5.51
CA ILE B 66 -20.08 18.28 6.84
C ILE B 66 -19.78 19.71 7.31
N PRO B 67 -20.77 20.36 7.94
CA PRO B 67 -20.57 21.71 8.47
C PRO B 67 -20.02 21.67 9.89
N LYS B 68 -19.18 22.64 10.23
CA LYS B 68 -18.64 22.73 11.58
C LYS B 68 -18.43 24.19 11.99
N THR B 69 -18.20 24.42 13.27
CA THR B 69 -17.79 25.73 13.74
C THR B 69 -16.40 25.97 13.17
N TRP B 70 -15.95 27.22 13.16
CA TRP B 70 -14.63 27.52 12.61
C TRP B 70 -13.56 26.68 13.29
N TYR B 71 -13.55 26.70 14.63
CA TYR B 71 -12.54 26.00 15.40
C TYR B 71 -12.49 24.51 15.08
N SER B 72 -13.65 23.88 15.02
CA SER B 72 -13.72 22.45 14.78
C SER B 72 -13.34 22.13 13.35
N ALA B 73 -13.58 23.09 12.46
CA ALA B 73 -13.20 22.95 11.07
C ALA B 73 -11.68 22.94 10.95
N GLU B 74 -11.02 23.85 11.66
CA GLU B 74 -9.56 23.89 11.63
C GLU B 74 -8.93 22.61 12.19
N GLN B 75 -9.43 22.14 13.33
CA GLN B 75 -8.93 20.89 13.92
C GLN B 75 -9.05 19.79 12.89
N PHE B 76 -10.15 19.78 12.17
CA PHE B 76 -10.43 18.78 11.15
C PHE B 76 -9.37 18.86 10.04
N CYS B 77 -9.04 20.07 9.62
CA CYS B 77 -8.00 20.23 8.59
C CYS B 77 -6.64 19.78 9.13
N VAL B 78 -6.30 20.20 10.35
CA VAL B 78 -5.05 19.80 10.96
C VAL B 78 -4.88 18.27 10.99
N SER B 79 -5.94 17.57 11.34
CA SER B 79 -5.92 16.11 11.37
C SER B 79 -5.75 15.51 9.97
N ARG B 80 -5.90 16.33 8.94
CA ARG B 80 -5.67 15.87 7.58
C ARG B 80 -4.41 16.51 7.02
N ASN B 81 -3.52 16.93 7.91
CA ASN B 81 -2.26 17.54 7.53
CA ASN B 81 -2.26 17.54 7.53
C ASN B 81 -2.46 18.72 6.59
N SER B 82 -3.37 19.61 6.96
CA SER B 82 -3.68 20.80 6.17
C SER B 82 -4.24 21.88 7.09
N HIS B 83 -4.63 23.00 6.50
CA HIS B 83 -5.22 24.10 7.24
C HIS B 83 -6.41 24.68 6.49
N LEU B 84 -7.32 25.33 7.23
CA LEU B 84 -8.36 26.09 6.57
C LEU B 84 -7.65 26.95 5.54
N THR B 85 -8.22 27.04 4.35
CA THR B 85 -7.47 27.62 3.23
C THR B 85 -7.17 29.10 3.43
N SER B 86 -5.99 29.51 2.97
CA SER B 86 -5.68 30.92 2.78
C SER B 86 -6.01 31.29 1.34
N VAL B 87 -5.95 32.57 1.01
CA VAL B 87 -6.18 33.03 -0.36
C VAL B 87 -5.07 33.99 -0.75
N THR B 88 -4.25 33.61 -1.71
CA THR B 88 -3.04 34.37 -2.01
C THR B 88 -3.11 35.10 -3.34
N SER B 89 -4.12 34.78 -4.15
CA SER B 89 -4.26 35.40 -5.45
C SER B 89 -5.71 35.45 -5.92
N GLU B 90 -6.01 36.40 -6.78
CA GLU B 90 -7.33 36.52 -7.38
C GLU B 90 -7.69 35.21 -8.06
N SER B 91 -6.68 34.59 -8.67
CA SER B 91 -6.81 33.32 -9.34
C SER B 91 -7.29 32.24 -8.37
N GLU B 92 -6.71 32.22 -7.18
CA GLU B 92 -7.11 31.29 -6.13
C GLU B 92 -8.52 31.63 -5.64
N GLN B 93 -8.78 32.92 -5.44
CA GLN B 93 -10.08 33.39 -5.01
C GLN B 93 -11.17 32.99 -5.98
N GLU B 94 -10.85 33.03 -7.27
CA GLU B 94 -11.80 32.65 -8.30
C GLU B 94 -12.06 31.15 -8.28
N PHE B 95 -11.00 30.36 -8.17
CA PHE B 95 -11.17 28.92 -8.07
C PHE B 95 -12.07 28.59 -6.89
N LEU B 96 -11.85 29.28 -5.78
CA LEU B 96 -12.58 28.98 -4.54
C LEU B 96 -14.06 29.37 -4.64
N TYR B 97 -14.34 30.58 -5.12
CA TYR B 97 -15.73 31.00 -5.19
C TYR B 97 -16.53 30.18 -6.21
N LYS B 98 -15.87 29.83 -7.31
CA LYS B 98 -16.51 29.02 -8.34
C LYS B 98 -16.84 27.63 -7.81
N THR B 99 -15.84 26.99 -7.22
CA THR B 99 -15.98 25.64 -6.69
C THR B 99 -17.00 25.58 -5.51
N ALA B 100 -17.05 26.63 -4.71
CA ALA B 100 -18.01 26.69 -3.61
C ALA B 100 -19.43 26.53 -4.15
N GLY B 101 -19.63 27.01 -5.38
CA GLY B 101 -20.88 26.82 -6.08
C GLY B 101 -22.11 27.26 -5.31
N GLY B 102 -22.05 28.44 -4.70
CA GLY B 102 -23.20 29.00 -4.03
C GLY B 102 -23.32 28.69 -2.55
N LEU B 103 -22.56 27.71 -2.06
CA LEU B 103 -22.61 27.38 -0.64
C LEU B 103 -21.61 28.20 0.15
N ILE B 104 -21.83 28.29 1.45
CA ILE B 104 -20.95 29.06 2.31
C ILE B 104 -19.87 28.15 2.90
N TYR B 105 -18.62 28.60 2.85
CA TYR B 105 -17.50 27.81 3.38
C TYR B 105 -16.58 28.63 4.28
N TRP B 106 -16.38 28.16 5.50
CA TRP B 106 -15.32 28.69 6.34
C TRP B 106 -14.00 28.68 5.56
N ILE B 107 -13.21 29.72 5.70
CA ILE B 107 -11.82 29.70 5.22
C ILE B 107 -10.90 30.12 6.37
N GLY B 108 -9.60 30.21 6.09
CA GLY B 108 -8.61 30.43 7.12
C GLY B 108 -8.52 31.83 7.71
N LEU B 109 -9.54 32.64 7.50
CA LEU B 109 -9.55 34.01 8.01
C LEU B 109 -9.98 34.09 9.46
N THR B 110 -9.16 34.74 10.28
CA THR B 110 -9.49 34.94 11.68
C THR B 110 -8.80 36.19 12.19
N LYS B 111 -9.36 36.83 13.21
CA LYS B 111 -8.75 38.02 13.78
C LYS B 111 -7.70 37.67 14.83
N ALA B 112 -6.75 38.58 15.02
CA ALA B 112 -5.67 38.39 16.00
C ALA B 112 -5.02 39.73 16.34
N GLY B 113 -5.43 40.31 17.47
CA GLY B 113 -4.89 41.57 17.92
C GLY B 113 -5.26 41.90 19.35
N GLY B 116 -7.58 44.08 16.75
CA GLY B 116 -7.89 42.80 16.14
C GLY B 116 -7.68 42.80 14.64
N ASP B 117 -6.47 42.44 14.22
CA ASP B 117 -6.15 42.41 12.78
C ASP B 117 -6.44 41.05 12.16
N TRP B 118 -6.89 41.06 10.92
CA TRP B 118 -7.12 39.82 10.19
C TRP B 118 -5.81 39.09 9.87
N SER B 119 -5.87 37.76 9.88
CA SER B 119 -4.71 36.94 9.58
C SER B 119 -5.14 35.59 9.04
N TRP B 120 -4.22 34.90 8.37
CA TRP B 120 -4.49 33.55 7.87
C TRP B 120 -4.00 32.51 8.88
N VAL B 121 -4.84 31.54 9.19
CA VAL B 121 -4.51 30.57 10.23
C VAL B 121 -3.33 29.71 9.84
N ASP B 122 -3.02 29.64 8.54
CA ASP B 122 -1.86 28.87 8.10
C ASP B 122 -0.61 29.75 8.08
N ASP B 123 -0.71 30.91 8.74
CA ASP B 123 0.42 31.82 8.89
C ASP B 123 0.87 32.47 7.59
N THR B 124 0.12 32.27 6.51
CA THR B 124 0.35 33.05 5.30
C THR B 124 0.19 34.51 5.69
N PRO B 125 1.17 35.35 5.33
CA PRO B 125 1.08 36.78 5.64
C PRO B 125 -0.17 37.41 5.04
N PHE B 126 -0.97 38.06 5.86
CA PHE B 126 -2.21 38.67 5.38
C PHE B 126 -1.95 40.04 4.77
N ASN B 127 -2.32 40.19 3.50
CA ASN B 127 -2.15 41.44 2.77
C ASN B 127 -3.42 42.29 2.77
N LYS B 128 -3.45 43.30 3.64
CA LYS B 128 -4.62 44.17 3.78
C LYS B 128 -5.09 44.72 2.44
N VAL B 129 -4.14 45.14 1.63
CA VAL B 129 -4.44 45.79 0.35
C VAL B 129 -5.07 44.86 -0.67
N GLN B 130 -4.43 43.72 -0.94
CA GLN B 130 -4.97 42.77 -1.89
C GLN B 130 -6.31 42.25 -1.39
N SER B 131 -6.39 42.01 -0.09
CA SER B 131 -7.59 41.44 0.51
C SER B 131 -8.77 42.40 0.49
N ALA B 132 -8.49 43.70 0.40
CA ALA B 132 -9.56 44.69 0.35
C ALA B 132 -10.57 44.35 -0.75
N ARG B 133 -10.07 43.74 -1.83
CA ARG B 133 -10.88 43.45 -3.00
C ARG B 133 -11.72 42.19 -2.87
N PHE B 134 -11.44 41.38 -1.85
CA PHE B 134 -12.04 40.05 -1.77
C PHE B 134 -13.25 39.96 -0.84
N TRP B 135 -13.48 41.02 -0.08
CA TRP B 135 -14.64 41.10 0.79
C TRP B 135 -15.91 41.45 0.03
N ILE B 136 -17.03 40.88 0.45
CA ILE B 136 -18.33 41.37 0.01
C ILE B 136 -18.42 42.87 0.28
N PRO B 137 -19.04 43.64 -0.61
CA PRO B 137 -19.18 45.06 -0.34
C PRO B 137 -19.96 45.30 0.97
N GLY B 138 -19.38 46.07 1.88
CA GLY B 138 -20.00 46.30 3.16
C GLY B 138 -19.50 45.40 4.28
N GLU B 139 -18.67 44.41 3.93
CA GLU B 139 -17.99 43.56 4.92
C GLU B 139 -16.48 43.85 4.94
N PRO B 140 -15.81 43.63 6.09
CA PRO B 140 -16.32 43.05 7.35
C PRO B 140 -17.13 44.06 8.13
N ASN B 141 -18.37 43.72 8.47
CA ASN B 141 -19.22 44.64 9.21
C ASN B 141 -19.22 44.36 10.71
N ASN B 142 -18.55 43.29 11.12
CA ASN B 142 -18.45 42.95 12.53
C ASN B 142 -19.80 43.04 13.21
N ALA B 143 -20.81 42.48 12.57
CA ALA B 143 -22.17 42.52 13.11
C ALA B 143 -22.25 41.87 14.49
N GLY B 144 -22.86 42.59 15.44
CA GLY B 144 -22.95 42.09 16.80
C GLY B 144 -21.61 42.17 17.51
N ASN B 145 -20.64 42.78 16.84
CA ASN B 145 -19.30 42.97 17.39
C ASN B 145 -18.61 41.67 17.77
N ASN B 146 -19.11 40.56 17.21
CA ASN B 146 -18.59 39.24 17.52
C ASN B 146 -18.30 38.42 16.25
N GLU B 147 -17.82 39.08 15.20
CA GLU B 147 -17.55 38.38 13.95
C GLU B 147 -16.05 38.35 13.69
N HIS B 148 -15.40 37.31 14.17
CA HIS B 148 -13.93 37.23 14.13
C HIS B 148 -13.38 36.16 13.20
N CYS B 149 -14.24 35.52 12.41
CA CYS B 149 -13.80 34.54 11.44
C CYS B 149 -14.38 34.87 10.07
N GLY B 150 -13.77 34.33 9.03
CA GLY B 150 -14.15 34.66 7.68
C GLY B 150 -14.54 33.44 6.88
N ASN B 151 -15.56 33.59 6.06
CA ASN B 151 -15.99 32.53 5.15
C ASN B 151 -16.22 33.07 3.75
N ILE B 152 -16.32 32.15 2.79
CA ILE B 152 -16.66 32.49 1.42
C ILE B 152 -18.16 32.36 1.22
N LYS B 153 -18.80 33.44 0.80
CA LYS B 153 -20.26 33.49 0.75
C LYS B 153 -20.83 33.86 -0.62
N ALA B 154 -20.41 35.00 -1.17
CA ALA B 154 -20.99 35.49 -2.41
C ALA B 154 -20.34 34.85 -3.64
N PRO B 155 -21.13 34.58 -4.70
CA PRO B 155 -20.63 33.93 -5.91
C PRO B 155 -19.88 34.92 -6.80
N SER B 156 -18.81 35.50 -6.28
CA SER B 156 -18.00 36.43 -7.05
C SER B 156 -16.66 36.66 -6.36
N LEU B 157 -15.78 37.43 -7.00
CA LEU B 157 -14.48 37.74 -6.43
C LEU B 157 -14.60 38.45 -5.08
N GLN B 158 -15.64 39.26 -4.94
CA GLN B 158 -15.98 39.83 -3.65
C GLN B 158 -16.86 38.84 -2.88
N ALA B 159 -16.21 37.85 -2.26
CA ALA B 159 -16.93 36.70 -1.73
C ALA B 159 -16.97 36.60 -0.21
N TRP B 160 -15.97 37.14 0.47
CA TRP B 160 -15.84 36.93 1.92
C TRP B 160 -16.86 37.68 2.77
N ASN B 161 -17.36 37.01 3.79
CA ASN B 161 -18.11 37.64 4.86
C ASN B 161 -17.48 37.28 6.21
N ASP B 162 -17.47 38.23 7.14
CA ASP B 162 -17.05 37.91 8.49
C ASP B 162 -18.28 37.49 9.29
N ALA B 163 -18.10 36.43 10.07
CA ALA B 163 -19.20 35.82 10.82
C ALA B 163 -18.67 35.36 12.17
N PRO B 164 -19.57 35.07 13.11
CA PRO B 164 -19.13 34.60 14.44
C PRO B 164 -18.46 33.25 14.35
N CYS B 165 -17.30 33.12 14.98
CA CYS B 165 -16.52 31.88 14.90
C CYS B 165 -17.31 30.63 15.26
N ASP B 166 -18.42 30.79 15.99
CA ASP B 166 -19.20 29.66 16.48
C ASP B 166 -20.27 29.17 15.50
N LYS B 167 -20.47 29.90 14.40
CA LYS B 167 -21.44 29.50 13.40
C LYS B 167 -20.96 28.21 12.76
N THR B 168 -21.88 27.36 12.33
CA THR B 168 -21.47 26.12 11.68
C THR B 168 -21.72 26.16 10.17
N PHE B 169 -20.63 26.14 9.41
CA PHE B 169 -20.67 26.16 7.95
C PHE B 169 -19.79 25.06 7.39
N LEU B 170 -20.00 24.71 6.13
CA LEU B 170 -19.04 23.88 5.43
C LEU B 170 -17.70 24.61 5.48
N PHE B 171 -16.63 23.94 5.08
CA PHE B 171 -15.31 24.56 5.20
C PHE B 171 -14.36 24.04 4.15
N ILE B 172 -13.28 24.78 3.93
CA ILE B 172 -12.30 24.39 2.92
C ILE B 172 -10.89 24.28 3.51
N CYS B 173 -10.31 23.10 3.38
CA CYS B 173 -8.93 22.86 3.77
C CYS B 173 -8.01 23.02 2.58
N LYS B 174 -6.78 23.42 2.85
CA LYS B 174 -5.75 23.58 1.83
C LYS B 174 -4.43 22.95 2.30
N ARG B 175 -3.78 22.19 1.41
CA ARG B 175 -2.42 21.70 1.65
C ARG B 175 -1.63 21.63 0.34
N PRO B 176 -0.33 21.96 0.41
CA PRO B 176 0.55 22.02 -0.77
C PRO B 176 0.69 20.68 -1.46
N TYR B 177 0.69 20.68 -2.78
CA TYR B 177 1.08 19.48 -3.52
C TYR B 177 2.59 19.31 -3.44
N VAL B 178 3.04 18.12 -3.08
CA VAL B 178 4.46 17.81 -3.08
C VAL B 178 4.74 16.41 -3.65
N PRO B 179 5.47 16.35 -4.76
CA PRO B 179 5.78 15.07 -5.44
C PRO B 179 6.80 14.25 -4.67
N LEU C 21 25.47 -1.55 -28.23
CA LEU C 21 25.36 -0.46 -29.19
C LEU C 21 23.89 -0.21 -29.56
N ASN C 22 23.16 -1.31 -29.75
CA ASN C 22 21.74 -1.25 -30.07
C ASN C 22 20.91 -1.43 -28.79
N THR C 23 21.59 -1.80 -27.71
CA THR C 23 20.92 -2.04 -26.42
C THR C 23 20.22 -0.77 -25.97
N LYS C 24 20.63 0.36 -26.54
CA LYS C 24 20.07 1.65 -26.20
C LYS C 24 18.62 1.76 -26.68
N ILE C 25 18.39 1.46 -27.95
CA ILE C 25 17.05 1.50 -28.52
C ILE C 25 16.10 0.58 -27.77
N ARG C 26 16.57 -0.64 -27.50
CA ARG C 26 15.77 -1.62 -26.79
C ARG C 26 15.25 -1.05 -25.48
N ALA C 27 16.10 -0.31 -24.79
CA ALA C 27 15.76 0.25 -23.48
C ALA C 27 14.76 1.39 -23.60
N LEU C 28 14.91 2.21 -24.64
CA LEU C 28 13.96 3.28 -24.89
C LEU C 28 12.57 2.70 -25.08
N GLN C 29 12.43 1.82 -26.07
CA GLN C 29 11.16 1.15 -26.31
C GLN C 29 10.59 0.67 -24.98
N GLY C 30 11.47 0.20 -24.11
CA GLY C 30 11.08 -0.35 -22.82
C GLY C 30 10.50 0.66 -21.85
N SER C 31 11.14 1.82 -21.75
CA SER C 31 10.63 2.89 -20.90
C SER C 31 9.29 3.36 -21.46
N LEU C 32 9.26 3.56 -22.78
CA LEU C 32 8.05 3.98 -23.46
C LEU C 32 6.90 3.01 -23.21
N GLU C 33 7.22 1.71 -23.18
CA GLU C 33 6.21 0.68 -22.95
C GLU C 33 5.69 0.72 -21.52
N ASN C 34 6.59 0.95 -20.57
CA ASN C 34 6.20 1.08 -19.17
C ASN C 34 5.41 2.38 -18.95
N MET C 35 5.84 3.44 -19.61
CA MET C 35 5.09 4.69 -19.61
C MET C 35 3.68 4.43 -20.13
N SER C 36 3.60 3.70 -21.23
CA SER C 36 2.30 3.40 -21.84
C SER C 36 1.39 2.67 -20.87
N LYS C 37 1.95 1.73 -20.11
CA LYS C 37 1.19 0.94 -19.15
C LYS C 37 0.63 1.80 -18.03
N LEU C 38 1.42 2.75 -17.54
CA LEU C 38 0.98 3.65 -16.49
C LEU C 38 -0.08 4.62 -16.98
N LEU C 39 0.07 5.14 -18.20
CA LEU C 39 -0.92 6.03 -18.77
C LEU C 39 -2.25 5.30 -18.89
N LYS C 40 -2.17 4.01 -19.23
CA LYS C 40 -3.38 3.21 -19.37
C LYS C 40 -4.10 3.07 -18.03
N ARG C 41 -3.33 2.85 -16.96
CA ARG C 41 -3.92 2.70 -15.64
C ARG C 41 -4.56 4.00 -15.17
N GLN C 42 -3.79 5.09 -15.21
CA GLN C 42 -4.29 6.40 -14.83
C GLN C 42 -5.56 6.74 -15.60
N ASN C 43 -5.55 6.48 -16.90
CA ASN C 43 -6.72 6.75 -17.73
C ASN C 43 -7.95 5.99 -17.26
N ASP C 44 -7.77 4.69 -16.98
CA ASP C 44 -8.88 3.85 -16.56
C ASP C 44 -9.47 4.34 -15.25
N ILE C 45 -8.59 4.76 -14.35
CA ILE C 45 -9.01 5.25 -13.04
C ILE C 45 -9.69 6.60 -13.19
N LEU C 46 -9.16 7.43 -14.08
CA LEU C 46 -9.72 8.76 -14.32
C LEU C 46 -11.13 8.72 -14.91
N GLN C 47 -11.39 7.80 -15.83
CA GLN C 47 -12.71 7.72 -16.45
C GLN C 47 -13.76 7.37 -15.40
N VAL C 48 -13.35 6.62 -14.39
CA VAL C 48 -14.26 6.20 -13.34
C VAL C 48 -14.44 7.27 -12.27
N VAL C 49 -13.33 7.82 -11.79
CA VAL C 49 -13.38 8.93 -10.85
C VAL C 49 -14.13 10.12 -11.46
N SER C 50 -14.04 10.26 -12.78
CA SER C 50 -14.76 11.32 -13.50
C SER C 50 -16.26 11.20 -13.38
N GLN C 51 -16.74 10.03 -12.95
CA GLN C 51 -18.17 9.79 -12.87
C GLN C 51 -18.69 9.75 -11.44
N GLY C 52 -17.97 10.45 -10.56
CA GLY C 52 -18.42 10.63 -9.18
C GLY C 52 -18.03 9.49 -8.26
N TRP C 53 -17.13 8.63 -8.72
CA TRP C 53 -16.64 7.56 -7.87
C TRP C 53 -15.29 7.93 -7.25
N LYS C 54 -14.91 7.23 -6.19
CA LYS C 54 -13.61 7.43 -5.57
C LYS C 54 -12.72 6.26 -5.93
N TYR C 55 -11.43 6.36 -5.64
CA TYR C 55 -10.51 5.26 -5.92
C TYR C 55 -9.41 5.14 -4.87
N PHE C 56 -9.12 3.92 -4.45
CA PHE C 56 -8.05 3.68 -3.49
C PHE C 56 -7.46 2.28 -3.56
N LYS C 57 -6.16 2.22 -3.82
CA LYS C 57 -5.40 0.98 -3.84
C LYS C 57 -6.14 -0.19 -4.48
N GLY C 58 -6.40 -0.08 -5.76
CA GLY C 58 -7.01 -1.17 -6.52
C GLY C 58 -8.52 -1.25 -6.49
N ASN C 59 -9.18 -0.35 -5.76
CA ASN C 59 -10.64 -0.42 -5.66
C ASN C 59 -11.37 0.90 -5.94
N PHE C 60 -12.56 0.78 -6.50
CA PHE C 60 -13.43 1.93 -6.70
C PHE C 60 -14.51 1.96 -5.63
N TYR C 61 -14.73 3.13 -5.05
CA TYR C 61 -15.72 3.34 -4.00
C TYR C 61 -16.76 4.39 -4.37
N TYR C 62 -18.01 4.12 -4.03
CA TYR C 62 -19.07 5.10 -4.22
C TYR C 62 -19.66 5.55 -2.88
N PHE C 63 -19.63 6.85 -2.62
CA PHE C 63 -20.24 7.41 -1.42
C PHE C 63 -21.58 8.04 -1.76
N SER C 64 -22.68 7.40 -1.37
CA SER C 64 -24.00 7.80 -1.83
C SER C 64 -24.38 9.21 -1.42
N LEU C 65 -25.45 9.71 -2.03
CA LEU C 65 -25.96 11.04 -1.76
C LEU C 65 -27.33 10.92 -1.11
N ILE C 66 -27.93 9.74 -1.23
CA ILE C 66 -29.25 9.48 -0.69
C ILE C 66 -29.17 8.32 0.30
N PRO C 67 -29.88 8.42 1.43
CA PRO C 67 -29.80 7.37 2.45
C PRO C 67 -30.67 6.18 2.08
N LYS C 68 -30.30 4.99 2.54
CA LYS C 68 -31.12 3.81 2.35
C LYS C 68 -31.00 2.88 3.55
N THR C 69 -31.85 1.87 3.61
CA THR C 69 -31.67 0.81 4.61
C THR C 69 -30.48 -0.02 4.15
N TRP C 70 -29.93 -0.83 5.05
CA TRP C 70 -28.74 -1.61 4.71
C TRP C 70 -28.97 -2.43 3.44
N TYR C 71 -30.07 -3.17 3.40
CA TYR C 71 -30.34 -4.04 2.26
C TYR C 71 -30.68 -3.31 0.96
N SER C 72 -31.45 -2.22 1.04
CA SER C 72 -31.74 -1.45 -0.16
C SER C 72 -30.46 -0.84 -0.70
N ALA C 73 -29.57 -0.44 0.20
CA ALA C 73 -28.26 0.05 -0.18
C ALA C 73 -27.47 -1.05 -0.90
N GLU C 74 -27.44 -2.23 -0.30
CA GLU C 74 -26.76 -3.37 -0.92
C GLU C 74 -27.34 -3.63 -2.31
N GLN C 75 -28.67 -3.67 -2.39
CA GLN C 75 -29.36 -3.89 -3.65
C GLN C 75 -28.97 -2.83 -4.67
N PHE C 76 -28.84 -1.59 -4.21
CA PHE C 76 -28.36 -0.50 -5.04
C PHE C 76 -26.93 -0.76 -5.49
N CYS C 77 -26.04 -1.03 -4.53
CA CYS C 77 -24.65 -1.31 -4.85
C CYS C 77 -24.52 -2.39 -5.90
N VAL C 78 -25.29 -3.47 -5.75
CA VAL C 78 -25.29 -4.53 -6.73
C VAL C 78 -25.70 -4.02 -8.13
N SER C 79 -26.71 -3.15 -8.17
CA SER C 79 -27.14 -2.62 -9.47
C SER C 79 -26.05 -1.77 -10.13
N ARG C 80 -25.05 -1.38 -9.35
CA ARG C 80 -23.90 -0.65 -9.89
C ARG C 80 -22.65 -1.54 -9.96
N ASN C 81 -22.86 -2.84 -10.07
CA ASN C 81 -21.77 -3.80 -10.24
C ASN C 81 -20.78 -3.78 -9.08
N SER C 82 -21.30 -3.64 -7.87
CA SER C 82 -20.44 -3.60 -6.70
C SER C 82 -21.16 -4.14 -5.47
N HIS C 83 -20.58 -3.89 -4.30
CA HIS C 83 -21.18 -4.32 -3.03
C HIS C 83 -20.92 -3.24 -2.01
N LEU C 84 -21.73 -3.22 -0.95
CA LEU C 84 -21.38 -2.41 0.20
C LEU C 84 -19.94 -2.78 0.55
N THR C 85 -19.12 -1.77 0.82
CA THR C 85 -17.68 -1.99 0.99
C THR C 85 -17.30 -2.89 2.17
N SER C 86 -16.34 -3.78 1.91
CA SER C 86 -15.69 -4.50 2.99
C SER C 86 -14.46 -3.71 3.43
N VAL C 87 -13.89 -4.08 4.56
CA VAL C 87 -12.65 -3.47 5.02
C VAL C 87 -11.66 -4.59 5.30
N THR C 88 -10.54 -4.56 4.60
CA THR C 88 -9.62 -5.69 4.58
C THR C 88 -8.25 -5.32 5.10
N SER C 89 -8.08 -4.06 5.50
CA SER C 89 -6.78 -3.60 5.94
C SER C 89 -6.92 -2.29 6.69
N GLU C 90 -5.87 -1.95 7.43
CA GLU C 90 -5.86 -0.71 8.19
C GLU C 90 -5.85 0.51 7.26
N SER C 91 -5.12 0.41 6.16
CA SER C 91 -5.07 1.54 5.22
C SER C 91 -6.44 1.78 4.60
N GLU C 92 -7.16 0.70 4.29
CA GLU C 92 -8.50 0.84 3.74
C GLU C 92 -9.45 1.44 4.77
N GLN C 93 -9.37 0.97 6.01
CA GLN C 93 -10.18 1.54 7.09
C GLN C 93 -9.93 3.04 7.18
N GLU C 94 -8.66 3.43 7.16
CA GLU C 94 -8.30 4.84 7.27
C GLU C 94 -8.80 5.65 6.07
N PHE C 95 -8.71 5.09 4.87
CA PHE C 95 -9.24 5.75 3.69
C PHE C 95 -10.74 5.96 3.83
N LEU C 96 -11.43 4.95 4.35
CA LEU C 96 -12.88 4.99 4.47
C LEU C 96 -13.38 6.02 5.49
N TYR C 97 -12.83 5.97 6.70
CA TYR C 97 -13.30 6.89 7.74
C TYR C 97 -12.90 8.33 7.42
N LYS C 98 -11.76 8.49 6.76
CA LYS C 98 -11.35 9.84 6.33
C LYS C 98 -12.20 10.39 5.17
N THR C 99 -12.42 9.57 4.15
CA THR C 99 -13.26 10.02 3.05
C THR C 99 -14.70 10.24 3.51
N ALA C 100 -15.16 9.41 4.44
CA ALA C 100 -16.52 9.54 5.01
C ALA C 100 -16.76 10.95 5.54
N GLY C 101 -15.71 11.56 6.08
CA GLY C 101 -15.73 12.98 6.40
C GLY C 101 -16.76 13.42 7.42
N GLY C 102 -16.95 12.62 8.46
CA GLY C 102 -17.86 12.99 9.54
C GLY C 102 -19.30 12.57 9.32
N LEU C 103 -19.62 12.13 8.10
CA LEU C 103 -20.95 11.59 7.82
C LEU C 103 -20.98 10.09 8.10
N ILE C 104 -22.18 9.56 8.34
CA ILE C 104 -22.33 8.14 8.66
C ILE C 104 -22.71 7.32 7.44
N TYR C 105 -22.00 6.22 7.23
CA TYR C 105 -22.24 5.40 6.05
C TYR C 105 -22.38 3.93 6.39
N TRP C 106 -23.45 3.30 5.90
CA TRP C 106 -23.54 1.85 5.89
C TRP C 106 -22.31 1.26 5.19
N ILE C 107 -21.82 0.14 5.71
CA ILE C 107 -20.84 -0.65 4.98
C ILE C 107 -21.30 -2.09 4.90
N GLY C 108 -20.47 -2.96 4.33
CA GLY C 108 -20.85 -4.34 4.11
C GLY C 108 -20.92 -5.18 5.38
N LEU C 109 -20.94 -4.53 6.53
CA LEU C 109 -20.97 -5.23 7.81
C LEU C 109 -22.36 -5.75 8.15
N THR C 110 -22.47 -7.06 8.33
CA THR C 110 -23.77 -7.62 8.68
C THR C 110 -23.63 -9.00 9.35
N LYS C 111 -24.52 -9.28 10.29
CA LYS C 111 -24.51 -10.58 10.95
C LYS C 111 -25.06 -11.64 10.03
N ALA C 112 -24.41 -12.80 10.05
CA ALA C 112 -24.87 -13.94 9.27
C ALA C 112 -24.68 -15.22 10.08
N GLY C 113 -25.27 -16.31 9.61
CA GLY C 113 -25.15 -17.59 10.27
C GLY C 113 -26.05 -17.71 11.48
N MET C 114 -25.97 -18.85 12.15
CA MET C 114 -26.77 -19.11 13.35
C MET C 114 -26.01 -18.66 14.59
N GLU C 115 -24.88 -18.00 14.38
CA GLU C 115 -24.02 -17.56 15.48
C GLU C 115 -24.08 -16.06 15.70
N GLY C 116 -24.67 -15.34 14.74
CA GLY C 116 -24.67 -13.89 14.79
C GLY C 116 -23.26 -13.36 14.60
N ASP C 117 -22.42 -14.12 13.90
CA ASP C 117 -21.08 -13.67 13.59
C ASP C 117 -21.16 -12.60 12.52
N TRP C 118 -20.26 -11.63 12.63
CA TRP C 118 -20.19 -10.56 11.65
C TRP C 118 -19.59 -11.11 10.37
N SER C 119 -19.95 -10.46 9.27
CA SER C 119 -19.51 -10.90 7.96
C SER C 119 -19.49 -9.72 6.99
N TRP C 120 -18.85 -9.91 5.84
CA TRP C 120 -18.93 -8.95 4.76
C TRP C 120 -19.89 -9.48 3.73
N VAL C 121 -20.78 -8.63 3.23
CA VAL C 121 -21.76 -9.08 2.26
C VAL C 121 -21.09 -9.44 0.94
N ASP C 122 -19.93 -8.83 0.67
CA ASP C 122 -19.19 -9.13 -0.56
C ASP C 122 -18.41 -10.44 -0.39
N ASP C 123 -18.55 -11.07 0.77
CA ASP C 123 -17.97 -12.38 1.05
C ASP C 123 -16.47 -12.40 1.36
N THR C 124 -15.89 -11.26 1.68
CA THR C 124 -14.56 -11.24 2.25
C THR C 124 -14.62 -11.89 3.62
N PRO C 125 -13.72 -12.83 3.92
CA PRO C 125 -13.70 -13.43 5.26
C PRO C 125 -13.54 -12.34 6.31
N PHE C 126 -14.32 -12.41 7.37
CA PHE C 126 -14.27 -11.37 8.40
C PHE C 126 -13.09 -11.60 9.32
N ASN C 127 -12.19 -10.63 9.36
CA ASN C 127 -11.00 -10.73 10.21
C ASN C 127 -11.24 -10.26 11.64
N LYS C 128 -11.70 -11.17 12.49
CA LYS C 128 -11.98 -10.89 13.90
C LYS C 128 -10.78 -10.23 14.59
N VAL C 129 -9.59 -10.83 14.46
CA VAL C 129 -8.40 -10.32 15.13
C VAL C 129 -8.14 -8.85 14.82
N GLN C 130 -8.11 -8.52 13.53
CA GLN C 130 -7.76 -7.19 13.08
C GLN C 130 -8.89 -6.19 13.26
N SER C 131 -10.13 -6.67 13.15
CA SER C 131 -11.31 -5.81 13.24
C SER C 131 -11.46 -5.15 14.61
N ALA C 132 -10.91 -5.80 15.63
CA ALA C 132 -11.02 -5.31 17.00
C ALA C 132 -10.67 -3.81 17.14
N ARG C 133 -9.70 -3.35 16.37
CA ARG C 133 -9.27 -1.96 16.43
C ARG C 133 -10.18 -1.03 15.62
N PHE C 134 -11.14 -1.60 14.90
CA PHE C 134 -11.95 -0.82 13.98
C PHE C 134 -13.31 -0.42 14.54
N TRP C 135 -13.68 -1.01 15.68
CA TRP C 135 -14.94 -0.69 16.35
C TRP C 135 -14.81 0.55 17.22
N ILE C 136 -15.89 1.31 17.32
CA ILE C 136 -16.00 2.34 18.34
C ILE C 136 -15.91 1.65 19.70
N PRO C 137 -15.06 2.15 20.60
CA PRO C 137 -14.96 1.52 21.92
C PRO C 137 -16.33 1.32 22.56
N GLY C 138 -16.66 0.08 22.89
CA GLY C 138 -17.96 -0.23 23.48
C GLY C 138 -18.91 -0.89 22.49
N GLU C 139 -18.59 -0.78 21.20
CA GLU C 139 -19.37 -1.43 20.16
C GLU C 139 -18.66 -2.72 19.72
N PRO C 140 -19.44 -3.68 19.17
CA PRO C 140 -20.88 -3.58 18.98
C PRO C 140 -21.60 -3.89 20.29
N ASN C 141 -22.55 -3.05 20.66
CA ASN C 141 -23.29 -3.23 21.90
C ASN C 141 -24.69 -3.79 21.63
N ASN C 142 -24.98 -4.03 20.35
CA ASN C 142 -26.24 -4.65 19.96
C ASN C 142 -27.44 -4.06 20.73
N ALA C 143 -27.56 -2.74 20.71
CA ALA C 143 -28.60 -2.07 21.48
C ALA C 143 -30.03 -2.49 21.08
N GLY C 144 -30.84 -2.80 22.07
CA GLY C 144 -32.23 -3.21 21.86
C GLY C 144 -32.29 -4.62 21.31
N ASN C 145 -31.14 -5.28 21.30
CA ASN C 145 -31.01 -6.61 20.67
C ASN C 145 -31.47 -6.57 19.22
N ASN C 146 -31.26 -5.44 18.55
CA ASN C 146 -31.78 -5.24 17.21
C ASN C 146 -30.77 -4.53 16.30
N GLU C 147 -29.48 -4.77 16.53
CA GLU C 147 -28.43 -4.11 15.76
C GLU C 147 -27.54 -5.13 15.03
N HIS C 148 -27.99 -5.54 13.85
CA HIS C 148 -27.37 -6.64 13.11
C HIS C 148 -26.68 -6.21 11.82
N CYS C 149 -26.40 -4.92 11.68
CA CYS C 149 -25.63 -4.41 10.56
C CYS C 149 -24.66 -3.35 11.07
N GLY C 150 -23.66 -3.03 10.25
CA GLY C 150 -22.61 -2.15 10.70
C GLY C 150 -22.42 -0.94 9.80
N ASN C 151 -22.13 0.20 10.41
CA ASN C 151 -21.81 1.39 9.66
C ASN C 151 -20.54 2.07 10.15
N ILE C 152 -20.03 2.97 9.32
CA ILE C 152 -18.92 3.84 9.69
C ILE C 152 -19.47 5.13 10.28
N LYS C 153 -19.05 5.46 11.49
CA LYS C 153 -19.66 6.53 12.26
C LYS C 153 -18.62 7.53 12.76
N ALA C 154 -17.72 7.06 13.62
CA ALA C 154 -16.74 7.94 14.25
C ALA C 154 -15.59 8.27 13.30
N PRO C 155 -15.06 9.49 13.41
CA PRO C 155 -13.95 9.99 12.57
C PRO C 155 -12.61 9.51 13.14
N SER C 156 -12.47 8.21 13.33
CA SER C 156 -11.28 7.64 13.89
C SER C 156 -11.07 6.26 13.29
N LEU C 157 -9.88 5.67 13.46
CA LEU C 157 -9.68 4.28 13.08
C LEU C 157 -10.77 3.43 13.73
N GLN C 158 -11.09 3.76 14.98
CA GLN C 158 -12.18 3.09 15.68
CA GLN C 158 -12.18 3.10 15.69
C GLN C 158 -13.50 3.73 15.26
N ALA C 159 -14.01 3.29 14.11
CA ALA C 159 -15.10 3.99 13.44
C ALA C 159 -16.46 3.29 13.42
N TRP C 160 -16.45 1.95 13.51
CA TRP C 160 -17.66 1.18 13.28
C TRP C 160 -18.68 1.24 14.42
N ASN C 161 -19.95 1.18 14.05
CA ASN C 161 -21.02 0.99 15.03
C ASN C 161 -22.02 -0.02 14.49
N ASP C 162 -22.57 -0.84 15.38
CA ASP C 162 -23.69 -1.67 14.97
C ASP C 162 -25.00 -0.90 15.22
N ALA C 163 -25.87 -0.96 14.22
CA ALA C 163 -27.14 -0.25 14.21
C ALA C 163 -28.19 -1.12 13.53
N PRO C 164 -29.48 -0.83 13.76
CA PRO C 164 -30.54 -1.64 13.14
C PRO C 164 -30.49 -1.54 11.63
N CYS C 165 -30.59 -2.69 10.97
CA CYS C 165 -30.51 -2.78 9.52
C CYS C 165 -31.60 -2.01 8.77
N ASP C 166 -32.64 -1.63 9.48
CA ASP C 166 -33.77 -0.96 8.85
C ASP C 166 -33.68 0.56 8.93
N LYS C 167 -32.67 1.05 9.64
CA LYS C 167 -32.41 2.49 9.68
C LYS C 167 -31.75 2.95 8.38
N THR C 168 -32.05 4.18 7.99
CA THR C 168 -31.53 4.71 6.73
C THR C 168 -30.26 5.51 6.94
N PHE C 169 -29.27 5.26 6.10
CA PHE C 169 -28.01 5.99 6.13
C PHE C 169 -27.48 6.14 4.71
N LEU C 170 -26.55 7.07 4.53
CA LEU C 170 -25.76 7.06 3.33
C LEU C 170 -24.96 5.77 3.36
N PHE C 171 -24.49 5.31 2.21
CA PHE C 171 -23.80 4.04 2.13
C PHE C 171 -22.60 4.15 1.19
N ILE C 172 -21.70 3.17 1.29
CA ILE C 172 -20.50 3.14 0.48
C ILE C 172 -20.41 1.84 -0.30
N CYS C 173 -20.35 1.94 -1.63
CA CYS C 173 -20.17 0.77 -2.47
C CYS C 173 -18.69 0.61 -2.79
N LYS C 174 -18.32 -0.61 -3.17
CA LYS C 174 -16.94 -0.91 -3.50
C LYS C 174 -16.94 -1.93 -4.64
N ARG C 175 -16.12 -1.67 -5.65
CA ARG C 175 -15.85 -2.69 -6.66
C ARG C 175 -14.38 -2.61 -7.10
N PRO C 176 -13.82 -3.76 -7.48
CA PRO C 176 -12.39 -3.79 -7.83
C PRO C 176 -12.10 -3.16 -9.20
N TYR C 177 -10.95 -2.48 -9.30
CA TYR C 177 -10.45 -2.03 -10.58
C TYR C 177 -10.01 -3.24 -11.41
N VAL C 178 -10.57 -3.37 -12.60
CA VAL C 178 -10.26 -4.51 -13.46
C VAL C 178 -10.02 -4.10 -14.92
N PRO C 179 -8.77 -4.26 -15.38
CA PRO C 179 -8.39 -4.00 -16.78
C PRO C 179 -9.02 -5.01 -17.73
N ALA D 20 5.09 36.03 -0.47
CA ALA D 20 4.42 34.88 0.11
C ALA D 20 5.17 33.57 -0.17
N LEU D 21 6.45 33.55 0.18
CA LEU D 21 7.29 32.37 0.02
C LEU D 21 6.91 31.30 1.03
N ASN D 22 6.05 31.68 1.97
CA ASN D 22 5.55 30.74 2.98
C ASN D 22 5.09 29.44 2.33
N THR D 23 4.59 29.56 1.10
CA THR D 23 4.10 28.41 0.34
C THR D 23 5.16 27.32 0.17
N LYS D 24 6.40 27.74 -0.06
CA LYS D 24 7.49 26.81 -0.34
C LYS D 24 8.01 26.16 0.93
N ILE D 25 8.24 26.99 1.96
CA ILE D 25 8.67 26.49 3.26
C ILE D 25 7.60 25.61 3.91
N ARG D 26 6.34 26.04 3.80
CA ARG D 26 5.20 25.28 4.29
C ARG D 26 5.16 23.88 3.68
N ALA D 27 5.48 23.78 2.40
CA ALA D 27 5.45 22.50 1.71
C ALA D 27 6.53 21.54 2.26
N LEU D 28 7.72 22.07 2.50
CA LEU D 28 8.80 21.27 3.08
C LEU D 28 8.41 20.79 4.48
N GLN D 29 7.89 21.72 5.28
CA GLN D 29 7.39 21.40 6.60
C GLN D 29 6.47 20.18 6.55
N GLY D 30 5.56 20.16 5.58
CA GLY D 30 4.59 19.09 5.45
C GLY D 30 5.20 17.78 5.02
N SER D 31 5.92 17.78 3.91
CA SER D 31 6.44 16.53 3.35
C SER D 31 7.51 15.89 4.22
N LEU D 32 8.00 16.63 5.22
CA LEU D 32 8.88 16.07 6.23
C LEU D 32 8.07 15.28 7.24
N GLU D 33 6.87 15.78 7.55
CA GLU D 33 5.97 15.09 8.45
C GLU D 33 5.55 13.73 7.89
N ASN D 34 5.35 13.67 6.58
CA ASN D 34 4.97 12.42 5.93
C ASN D 34 6.14 11.45 5.81
N MET D 35 7.34 11.99 5.64
CA MET D 35 8.55 11.18 5.65
C MET D 35 8.67 10.46 7.00
N SER D 36 8.29 11.16 8.07
CA SER D 36 8.29 10.58 9.41
C SER D 36 7.24 9.49 9.57
N LYS D 37 6.07 9.69 8.97
CA LYS D 37 5.02 8.67 8.98
C LYS D 37 5.60 7.38 8.40
N LEU D 38 6.19 7.50 7.21
CA LEU D 38 6.69 6.36 6.46
C LEU D 38 7.91 5.72 7.12
N LEU D 39 8.72 6.54 7.79
CA LEU D 39 9.90 6.06 8.47
C LEU D 39 9.51 5.24 9.69
N LYS D 40 8.61 5.79 10.50
CA LYS D 40 8.11 5.11 11.68
C LYS D 40 7.59 3.74 11.28
N ARG D 41 6.76 3.73 10.24
CA ARG D 41 6.17 2.49 9.75
C ARG D 41 7.24 1.53 9.22
N GLN D 42 8.24 2.07 8.55
CA GLN D 42 9.29 1.22 7.99
C GLN D 42 10.13 0.62 9.12
N ASN D 43 10.41 1.40 10.14
CA ASN D 43 11.18 0.91 11.27
C ASN D 43 10.40 -0.13 12.07
N ASP D 44 9.09 0.09 12.18
CA ASP D 44 8.21 -0.88 12.84
C ASP D 44 8.39 -2.25 12.20
N ILE D 45 8.29 -2.30 10.88
CA ILE D 45 8.36 -3.54 10.15
C ILE D 45 9.78 -4.14 10.15
N LEU D 46 10.78 -3.27 10.02
CA LEU D 46 12.16 -3.71 10.01
C LEU D 46 12.53 -4.37 11.35
N GLN D 47 12.11 -3.76 12.45
CA GLN D 47 12.42 -4.29 13.77
C GLN D 47 11.88 -5.71 13.98
N VAL D 48 10.75 -6.01 13.34
CA VAL D 48 10.15 -7.33 13.44
C VAL D 48 10.84 -8.32 12.48
N VAL D 49 11.07 -7.89 11.25
CA VAL D 49 11.75 -8.72 10.28
C VAL D 49 13.20 -9.00 10.74
N SER D 50 13.74 -8.11 11.55
CA SER D 50 15.09 -8.27 12.10
C SER D 50 15.12 -9.32 13.22
N GLN D 51 13.96 -9.80 13.61
CA GLN D 51 13.88 -10.77 14.70
C GLN D 51 13.35 -12.11 14.21
N GLY D 52 13.46 -12.33 12.91
CA GLY D 52 13.14 -13.62 12.32
C GLY D 52 11.73 -13.80 11.79
N TRP D 53 10.92 -12.74 11.85
CA TRP D 53 9.56 -12.81 11.35
C TRP D 53 9.48 -12.29 9.92
N LYS D 54 8.40 -12.64 9.23
CA LYS D 54 8.18 -12.15 7.88
C LYS D 54 7.03 -11.14 7.86
N TYR D 55 6.87 -10.44 6.74
CA TYR D 55 5.83 -9.44 6.61
C TYR D 55 5.15 -9.47 5.25
N PHE D 56 3.83 -9.35 5.28
CA PHE D 56 3.05 -9.30 4.03
C PHE D 56 1.72 -8.62 4.28
N LYS D 57 1.44 -7.61 3.45
CA LYS D 57 0.13 -6.94 3.42
C LYS D 57 -0.48 -6.66 4.78
N GLY D 58 0.24 -5.93 5.63
CA GLY D 58 -0.30 -5.51 6.91
C GLY D 58 -0.32 -6.57 8.00
N ASN D 59 0.34 -7.70 7.74
CA ASN D 59 0.41 -8.76 8.74
C ASN D 59 1.82 -9.33 8.92
N PHE D 60 2.13 -9.74 10.15
CA PHE D 60 3.40 -10.41 10.41
C PHE D 60 3.19 -11.91 10.43
N TYR D 61 4.18 -12.66 9.95
CA TYR D 61 4.10 -14.11 9.94
C TYR D 61 5.38 -14.72 10.47
N TYR D 62 5.24 -15.78 11.25
CA TYR D 62 6.40 -16.53 11.73
C TYR D 62 6.37 -17.92 11.13
N PHE D 63 7.41 -18.27 10.38
CA PHE D 63 7.57 -19.64 9.87
C PHE D 63 8.52 -20.39 10.79
N SER D 64 7.99 -21.40 11.48
CA SER D 64 8.71 -22.03 12.58
C SER D 64 9.96 -22.77 12.13
N LEU D 65 10.93 -22.90 13.03
CA LEU D 65 12.15 -23.66 12.74
C LEU D 65 12.06 -25.04 13.35
N ILE D 66 11.13 -25.21 14.28
CA ILE D 66 10.93 -26.49 14.96
C ILE D 66 9.52 -26.99 14.70
N PRO D 67 9.36 -28.32 14.53
CA PRO D 67 8.04 -28.89 14.29
C PRO D 67 7.29 -29.15 15.60
N LYS D 68 5.98 -28.96 15.58
CA LYS D 68 5.13 -29.20 16.75
C LYS D 68 3.82 -29.81 16.30
N THR D 69 3.13 -30.44 17.25
CA THR D 69 1.78 -30.90 17.00
C THR D 69 0.97 -29.65 16.73
N TRP D 70 -0.22 -29.82 16.16
CA TRP D 70 -1.01 -28.65 15.81
C TRP D 70 -1.33 -27.87 17.08
N TYR D 71 -1.67 -28.59 18.14
CA TYR D 71 -2.05 -27.98 19.41
CA TYR D 71 -2.05 -27.98 19.41
C TYR D 71 -0.90 -27.21 20.06
N SER D 72 0.28 -27.83 20.12
CA SER D 72 1.44 -27.15 20.68
C SER D 72 1.82 -25.95 19.82
N ALA D 73 1.64 -26.08 18.52
CA ALA D 73 1.93 -24.99 17.60
C ALA D 73 1.03 -23.78 17.88
N GLU D 74 -0.28 -24.01 18.01
CA GLU D 74 -1.18 -22.92 18.37
C GLU D 74 -0.78 -22.29 19.69
N GLN D 75 -0.39 -23.11 20.65
CA GLN D 75 0.08 -22.62 21.95
C GLN D 75 1.29 -21.72 21.80
N PHE D 76 2.21 -22.11 20.91
CA PHE D 76 3.38 -21.29 20.64
C PHE D 76 2.97 -19.95 20.06
N CYS D 77 2.14 -19.97 19.02
CA CYS D 77 1.64 -18.74 18.42
C CYS D 77 1.02 -17.83 19.49
N VAL D 78 0.19 -18.39 20.35
CA VAL D 78 -0.45 -17.59 21.39
C VAL D 78 0.58 -17.00 22.36
N SER D 79 1.67 -17.72 22.62
CA SER D 79 2.72 -17.19 23.51
C SER D 79 3.42 -15.98 22.87
N ARG D 80 3.33 -15.87 21.56
CA ARG D 80 3.94 -14.76 20.84
C ARG D 80 2.89 -13.78 20.31
N ASN D 81 1.77 -13.69 21.04
CA ASN D 81 0.71 -12.76 20.71
C ASN D 81 0.15 -12.96 19.30
N SER D 82 -0.16 -14.20 18.95
CA SER D 82 -0.65 -14.49 17.61
C SER D 82 -1.40 -15.82 17.52
N HIS D 83 -1.71 -16.24 16.30
CA HIS D 83 -2.43 -17.48 16.07
C HIS D 83 -1.85 -18.20 14.87
N LEU D 84 -2.05 -19.51 14.81
CA LEU D 84 -1.78 -20.21 13.57
C LEU D 84 -2.56 -19.47 12.49
N THR D 85 -1.92 -19.22 11.36
CA THR D 85 -2.47 -18.32 10.35
C THR D 85 -3.78 -18.78 9.71
N SER D 86 -4.65 -17.84 9.42
CA SER D 86 -5.80 -18.11 8.56
C SER D 86 -5.42 -17.70 7.15
N VAL D 87 -6.24 -18.06 6.16
CA VAL D 87 -5.99 -17.64 4.79
C VAL D 87 -7.25 -17.01 4.20
N THR D 88 -7.18 -15.71 3.91
CA THR D 88 -8.38 -14.94 3.59
C THR D 88 -8.39 -14.33 2.18
N SER D 89 -7.40 -14.65 1.36
CA SER D 89 -7.39 -14.19 -0.02
C SER D 89 -6.38 -15.00 -0.83
N GLU D 90 -6.55 -15.01 -2.14
CA GLU D 90 -5.62 -15.72 -3.01
C GLU D 90 -4.21 -15.20 -2.80
N SER D 91 -4.08 -13.89 -2.67
CA SER D 91 -2.77 -13.28 -2.51
C SER D 91 -2.12 -13.75 -1.22
N GLU D 92 -2.90 -13.88 -0.15
CA GLU D 92 -2.35 -14.39 1.10
C GLU D 92 -1.93 -15.85 0.95
N GLN D 93 -2.82 -16.66 0.38
CA GLN D 93 -2.52 -18.07 0.13
C GLN D 93 -1.24 -18.22 -0.69
N GLU D 94 -1.09 -17.36 -1.69
CA GLU D 94 0.06 -17.40 -2.59
C GLU D 94 1.35 -17.06 -1.87
N PHE D 95 1.31 -15.98 -1.10
CA PHE D 95 2.46 -15.59 -0.32
C PHE D 95 2.86 -16.74 0.60
N LEU D 96 1.86 -17.43 1.16
CA LEU D 96 2.11 -18.48 2.14
C LEU D 96 2.77 -19.71 1.51
N TYR D 97 2.21 -20.21 0.41
CA TYR D 97 2.77 -21.42 -0.18
C TYR D 97 4.15 -21.18 -0.80
N LYS D 98 4.35 -19.99 -1.37
CA LYS D 98 5.65 -19.64 -1.92
C LYS D 98 6.70 -19.50 -0.82
N THR D 99 6.33 -18.87 0.28
CA THR D 99 7.27 -18.67 1.38
C THR D 99 7.54 -19.99 2.10
N ALA D 100 6.60 -20.92 2.04
CA ALA D 100 6.78 -22.23 2.64
C ALA D 100 7.97 -22.95 1.97
N GLY D 101 8.20 -22.63 0.70
CA GLY D 101 9.37 -23.11 -0.02
C GLY D 101 9.46 -24.60 -0.14
N GLY D 102 8.33 -25.28 -0.21
CA GLY D 102 8.32 -26.73 -0.37
C GLY D 102 8.31 -27.50 0.95
N LEU D 103 8.37 -26.77 2.06
CA LEU D 103 8.21 -27.39 3.37
C LEU D 103 6.75 -27.36 3.79
N ILE D 104 6.34 -28.34 4.59
CA ILE D 104 4.97 -28.44 5.09
C ILE D 104 4.83 -27.65 6.39
N TYR D 105 3.87 -26.75 6.45
CA TYR D 105 3.61 -26.00 7.68
C TYR D 105 2.16 -26.14 8.11
N TRP D 106 1.96 -26.41 9.39
CA TRP D 106 0.66 -26.31 10.01
C TRP D 106 0.11 -24.91 9.79
N ILE D 107 -1.17 -24.80 9.47
CA ILE D 107 -1.85 -23.52 9.54
C ILE D 107 -3.09 -23.65 10.42
N GLY D 108 -3.89 -22.59 10.49
CA GLY D 108 -4.96 -22.50 11.45
C GLY D 108 -6.20 -23.33 11.21
N LEU D 109 -6.16 -24.19 10.19
CA LEU D 109 -7.28 -25.06 9.87
C LEU D 109 -7.49 -26.16 10.91
N THR D 110 -8.71 -26.29 11.40
CA THR D 110 -9.06 -27.38 12.32
C THR D 110 -10.56 -27.67 12.25
N LYS D 111 -10.95 -28.88 12.65
CA LYS D 111 -12.36 -29.25 12.70
C LYS D 111 -12.92 -29.10 14.10
N ALA D 112 -13.88 -28.19 14.27
CA ALA D 112 -14.48 -27.93 15.58
C ALA D 112 -15.96 -28.31 15.63
N GLY D 116 -19.21 -30.49 13.96
CA GLY D 116 -17.76 -30.39 13.84
C GLY D 116 -17.27 -30.19 12.42
N ASP D 117 -17.09 -28.94 12.01
CA ASP D 117 -16.66 -28.62 10.65
C ASP D 117 -15.34 -27.89 10.61
N TRP D 118 -14.83 -27.67 9.39
CA TRP D 118 -13.60 -26.91 9.21
C TRP D 118 -13.79 -25.47 9.67
N SER D 119 -12.76 -24.93 10.32
CA SER D 119 -12.82 -23.59 10.87
C SER D 119 -11.41 -23.09 11.14
N TRP D 120 -11.28 -21.78 11.35
CA TRP D 120 -10.00 -21.16 11.66
C TRP D 120 -9.87 -20.94 13.15
N VAL D 121 -8.70 -21.26 13.70
CA VAL D 121 -8.50 -21.13 15.14
C VAL D 121 -8.47 -19.68 15.56
N ASP D 122 -8.20 -18.77 14.61
CA ASP D 122 -8.23 -17.34 14.92
C ASP D 122 -9.63 -16.73 14.83
N ASP D 123 -10.64 -17.58 14.70
CA ASP D 123 -12.04 -17.15 14.73
C ASP D 123 -12.56 -16.51 13.44
N THR D 124 -11.71 -16.48 12.40
CA THR D 124 -12.18 -16.09 11.09
C THR D 124 -13.23 -17.10 10.66
N PRO D 125 -14.42 -16.63 10.27
CA PRO D 125 -15.43 -17.56 9.77
C PRO D 125 -14.91 -18.30 8.54
N PHE D 126 -15.25 -19.58 8.43
CA PHE D 126 -14.75 -20.42 7.35
C PHE D 126 -15.85 -20.69 6.32
N ASN D 127 -15.62 -20.23 5.09
CA ASN D 127 -16.57 -20.50 4.03
C ASN D 127 -16.12 -21.67 3.14
N LYS D 128 -16.88 -22.74 3.19
CA LYS D 128 -16.55 -23.97 2.45
C LYS D 128 -16.35 -23.68 0.97
N VAL D 129 -17.34 -23.02 0.36
CA VAL D 129 -17.33 -22.74 -1.07
C VAL D 129 -16.12 -21.89 -1.51
N GLN D 130 -15.84 -20.83 -0.76
CA GLN D 130 -14.72 -19.95 -1.07
C GLN D 130 -13.37 -20.67 -0.99
N SER D 131 -13.22 -21.51 0.03
CA SER D 131 -11.93 -22.15 0.31
C SER D 131 -11.67 -23.39 -0.54
N ALA D 132 -12.72 -23.89 -1.18
CA ALA D 132 -12.65 -25.15 -1.91
C ALA D 132 -11.40 -25.28 -2.78
N ARG D 133 -11.04 -24.20 -3.45
CA ARG D 133 -9.96 -24.24 -4.43
C ARG D 133 -8.56 -24.18 -3.79
N PHE D 134 -8.50 -23.93 -2.49
CA PHE D 134 -7.20 -23.86 -1.81
C PHE D 134 -6.72 -25.22 -1.31
N TRP D 135 -7.53 -26.26 -1.53
CA TRP D 135 -7.16 -27.61 -1.12
C TRP D 135 -6.35 -28.31 -2.20
N ILE D 136 -5.51 -29.25 -1.78
CA ILE D 136 -4.94 -30.19 -2.72
C ILE D 136 -6.12 -30.95 -3.31
N PRO D 137 -6.18 -31.07 -4.64
CA PRO D 137 -7.34 -31.77 -5.22
C PRO D 137 -7.48 -33.14 -4.56
N GLY D 138 -8.67 -33.45 -4.05
CA GLY D 138 -8.89 -34.70 -3.36
C GLY D 138 -8.73 -34.59 -1.85
N GLU D 139 -8.50 -33.36 -1.38
CA GLU D 139 -8.47 -33.09 0.05
C GLU D 139 -9.62 -32.16 0.39
N PRO D 140 -10.16 -32.26 1.61
CA PRO D 140 -9.73 -33.11 2.73
C PRO D 140 -10.25 -34.54 2.59
N ASN D 141 -9.36 -35.51 2.70
CA ASN D 141 -9.74 -36.91 2.57
C ASN D 141 -10.03 -37.59 3.91
N ASN D 142 -9.61 -36.96 5.00
CA ASN D 142 -9.76 -37.53 6.35
C ASN D 142 -9.29 -38.98 6.43
N ALA D 143 -8.08 -39.24 5.94
CA ALA D 143 -7.49 -40.57 5.98
C ALA D 143 -7.19 -41.00 7.41
N GLY D 144 -7.68 -42.18 7.79
CA GLY D 144 -7.59 -42.63 9.17
C GLY D 144 -8.74 -42.08 9.99
N ASN D 145 -9.57 -41.26 9.36
CA ASN D 145 -10.72 -40.62 10.01
C ASN D 145 -10.32 -39.85 11.26
N ASN D 146 -9.11 -39.30 11.25
CA ASN D 146 -8.59 -38.59 12.41
C ASN D 146 -7.85 -37.33 12.01
N GLU D 147 -7.97 -36.94 10.76
CA GLU D 147 -7.30 -35.74 10.25
C GLU D 147 -8.15 -34.49 10.51
N HIS D 148 -7.96 -33.91 11.70
CA HIS D 148 -8.77 -32.78 12.16
C HIS D 148 -8.06 -31.45 12.00
N CYS D 149 -6.91 -31.45 11.32
CA CYS D 149 -6.14 -30.24 11.13
C CYS D 149 -5.61 -30.12 9.72
N GLY D 150 -5.26 -28.90 9.33
CA GLY D 150 -4.79 -28.64 7.98
C GLY D 150 -3.43 -27.98 7.95
N ASN D 151 -2.66 -28.27 6.91
CA ASN D 151 -1.36 -27.65 6.73
C ASN D 151 -1.17 -27.21 5.28
N ILE D 152 -0.14 -26.41 5.05
CA ILE D 152 0.27 -26.09 3.69
C ILE D 152 1.30 -27.12 3.24
N LYS D 153 0.94 -27.87 2.22
CA LYS D 153 1.76 -28.98 1.75
C LYS D 153 2.25 -28.77 0.32
N ALA D 154 1.33 -28.70 -0.63
CA ALA D 154 1.69 -28.63 -2.04
C ALA D 154 2.09 -27.20 -2.45
N PRO D 155 3.16 -27.07 -3.24
CA PRO D 155 3.66 -25.77 -3.70
C PRO D 155 2.78 -25.17 -4.79
N SER D 156 1.57 -24.74 -4.42
CA SER D 156 0.66 -24.08 -5.36
C SER D 156 -0.57 -23.59 -4.64
N LEU D 157 -1.45 -22.90 -5.35
CA LEU D 157 -2.68 -22.40 -4.76
C LEU D 157 -3.55 -23.53 -4.22
N GLN D 158 -3.43 -24.69 -4.82
CA GLN D 158 -4.09 -25.88 -4.30
C GLN D 158 -3.11 -26.54 -3.33
N ALA D 159 -3.01 -25.97 -2.12
CA ALA D 159 -1.91 -26.31 -1.21
C ALA D 159 -2.29 -27.16 0.00
N TRP D 160 -3.51 -27.00 0.50
CA TRP D 160 -3.90 -27.59 1.77
C TRP D 160 -4.03 -29.10 1.77
N ASN D 161 -3.56 -29.71 2.85
CA ASN D 161 -3.82 -31.11 3.14
C ASN D 161 -4.35 -31.20 4.57
N ASP D 162 -5.27 -32.12 4.82
CA ASP D 162 -5.70 -32.39 6.18
C ASP D 162 -4.90 -33.57 6.75
N ALA D 163 -4.49 -33.44 8.01
CA ALA D 163 -3.64 -34.44 8.65
C ALA D 163 -3.96 -34.52 10.15
N PRO D 164 -3.64 -35.67 10.78
CA PRO D 164 -3.91 -35.83 12.21
C PRO D 164 -3.21 -34.77 13.04
N CYS D 165 -3.93 -34.16 13.97
CA CYS D 165 -3.41 -33.03 14.75
C CYS D 165 -2.17 -33.38 15.58
N ASP D 166 -1.87 -34.66 15.71
CA ASP D 166 -0.71 -35.08 16.51
C ASP D 166 0.53 -35.30 15.65
N LYS D 167 0.42 -35.07 14.34
CA LYS D 167 1.60 -35.05 13.50
C LYS D 167 2.41 -33.84 13.92
N THR D 168 3.73 -33.93 13.84
CA THR D 168 4.57 -32.78 14.11
C THR D 168 5.13 -32.18 12.82
N PHE D 169 4.70 -30.96 12.53
CA PHE D 169 5.14 -30.23 11.34
C PHE D 169 5.61 -28.86 11.78
N LEU D 170 6.40 -28.20 10.95
CA LEU D 170 6.65 -26.78 11.14
C LEU D 170 5.30 -26.05 11.06
N PHE D 171 5.27 -24.78 11.47
CA PHE D 171 4.00 -24.08 11.56
C PHE D 171 4.15 -22.60 11.25
N ILE D 172 3.02 -21.96 10.97
CA ILE D 172 3.03 -20.56 10.56
C ILE D 172 2.11 -19.73 11.46
N CYS D 173 2.72 -18.83 12.23
CA CYS D 173 1.94 -17.90 13.05
C CYS D 173 1.63 -16.63 12.26
N LYS D 174 0.53 -15.96 12.63
CA LYS D 174 0.19 -14.67 12.04
C LYS D 174 -0.29 -13.68 13.11
N ARG D 175 0.08 -12.42 12.95
CA ARG D 175 -0.47 -11.34 13.77
C ARG D 175 -0.49 -10.04 12.97
N PRO D 176 -1.54 -9.24 13.17
CA PRO D 176 -1.66 -7.95 12.46
C PRO D 176 -0.52 -7.03 12.82
N TYR D 177 -0.04 -6.28 11.83
CA TYR D 177 0.88 -5.19 12.13
C TYR D 177 0.08 -4.05 12.72
N VAL D 178 0.39 -3.67 13.96
CA VAL D 178 -0.30 -2.58 14.62
C VAL D 178 0.66 -1.43 14.92
N PRO D 179 0.58 -0.36 14.11
CA PRO D 179 1.50 0.80 14.15
C PRO D 179 1.66 1.39 15.55
N SER D 180 2.82 1.99 15.80
CA SER D 180 3.11 2.58 17.11
C SER D 180 2.78 4.08 17.14
N LEU E 21 11.96 35.61 10.71
CA LEU E 21 11.48 34.40 10.04
C LEU E 21 12.47 33.26 10.12
N ASN E 22 13.74 33.56 9.81
CA ASN E 22 14.78 32.55 9.68
C ASN E 22 14.95 31.67 10.92
N THR E 23 14.09 31.90 11.91
CA THR E 23 14.00 31.01 13.06
C THR E 23 13.31 29.72 12.63
N LYS E 24 12.41 29.83 11.67
CA LYS E 24 11.71 28.67 11.10
C LYS E 24 12.67 27.77 10.32
N ILE E 25 13.31 28.33 9.31
CA ILE E 25 14.24 27.61 8.46
C ILE E 25 15.31 26.90 9.28
N ARG E 26 15.76 27.59 10.34
CA ARG E 26 16.81 27.09 11.21
C ARG E 26 16.42 25.75 11.85
N ALA E 27 15.12 25.46 11.86
CA ALA E 27 14.60 24.25 12.49
C ALA E 27 14.43 23.12 11.48
N LEU E 28 14.13 23.46 10.23
CA LEU E 28 14.02 22.45 9.19
C LEU E 28 15.36 21.76 8.94
N GLN E 29 16.42 22.56 8.87
CA GLN E 29 17.78 22.03 8.73
C GLN E 29 18.03 20.98 9.80
N GLY E 30 17.47 21.20 10.98
CA GLY E 30 17.68 20.31 12.12
C GLY E 30 16.88 19.02 12.03
N SER E 31 15.57 19.15 11.86
CA SER E 31 14.70 17.98 11.76
C SER E 31 14.95 17.20 10.47
N LEU E 32 15.88 17.68 9.66
CA LEU E 32 16.24 17.00 8.42
C LEU E 32 17.43 16.07 8.62
N GLU E 33 18.51 16.59 9.19
CA GLU E 33 19.65 15.75 9.53
C GLU E 33 19.25 14.82 10.68
N ASN E 34 18.08 15.07 11.24
CA ASN E 34 17.45 14.14 12.16
C ASN E 34 17.08 12.88 11.41
N MET E 35 16.37 13.07 10.29
CA MET E 35 15.94 11.96 9.45
C MET E 35 17.08 11.34 8.66
N SER E 36 18.05 12.14 8.25
CA SER E 36 19.21 11.64 7.52
C SER E 36 19.94 10.58 8.33
N LYS E 37 20.15 10.87 9.62
CA LYS E 37 20.82 9.92 10.51
C LYS E 37 19.94 8.69 10.73
N LEU E 38 18.64 8.90 10.87
CA LEU E 38 17.70 7.78 11.03
C LEU E 38 17.66 6.89 9.81
N LEU E 39 17.73 7.49 8.63
CA LEU E 39 17.67 6.75 7.38
C LEU E 39 18.92 5.89 7.18
N LYS E 40 20.09 6.46 7.51
CA LYS E 40 21.34 5.71 7.43
C LYS E 40 21.36 4.54 8.41
N ARG E 41 20.89 4.78 9.64
CA ARG E 41 20.70 3.72 10.60
C ARG E 41 19.92 2.56 9.98
N GLN E 42 18.75 2.88 9.44
CA GLN E 42 17.90 1.85 8.85
C GLN E 42 18.55 1.16 7.67
N ASN E 43 19.26 1.93 6.85
CA ASN E 43 19.97 1.34 5.73
C ASN E 43 21.05 0.38 6.24
N ASP E 44 21.83 0.84 7.21
CA ASP E 44 22.86 0.00 7.83
C ASP E 44 22.24 -1.32 8.29
N ILE E 45 21.18 -1.23 9.08
CA ILE E 45 20.50 -2.39 9.61
C ILE E 45 19.91 -3.29 8.51
N LEU E 46 19.32 -2.66 7.49
CA LEU E 46 18.67 -3.40 6.41
C LEU E 46 19.67 -4.21 5.58
N GLN E 47 20.84 -3.63 5.32
CA GLN E 47 21.87 -4.29 4.53
C GLN E 47 22.27 -5.63 5.13
N VAL E 48 22.37 -5.69 6.45
CA VAL E 48 22.83 -6.91 7.10
C VAL E 48 21.67 -7.89 7.32
N VAL E 49 20.47 -7.36 7.52
CA VAL E 49 19.29 -8.23 7.56
C VAL E 49 19.07 -8.87 6.20
N SER E 50 19.36 -8.11 5.15
CA SER E 50 19.23 -8.61 3.78
C SER E 50 20.28 -9.66 3.47
N GLN E 51 21.26 -9.81 4.35
CA GLN E 51 22.32 -10.80 4.14
C GLN E 51 22.13 -12.04 5.01
N GLY E 52 20.98 -12.11 5.68
CA GLY E 52 20.63 -13.27 6.48
C GLY E 52 20.89 -13.13 7.97
N TRP E 53 21.38 -11.98 8.39
CA TRP E 53 21.61 -11.75 9.82
C TRP E 53 20.37 -11.15 10.48
N LYS E 54 20.40 -11.06 11.81
CA LYS E 54 19.30 -10.48 12.58
C LYS E 54 19.83 -9.26 13.31
N TYR E 55 18.93 -8.36 13.70
CA TYR E 55 19.33 -7.20 14.49
C TYR E 55 18.52 -7.11 15.77
N PHE E 56 19.17 -6.68 16.84
CA PHE E 56 18.48 -6.44 18.11
C PHE E 56 19.28 -5.54 19.05
N LYS E 57 18.74 -4.36 19.32
CA LYS E 57 19.35 -3.41 20.25
C LYS E 57 20.86 -3.31 20.14
N GLY E 58 21.33 -2.69 19.06
CA GLY E 58 22.75 -2.36 18.92
C GLY E 58 23.64 -3.47 18.41
N ASN E 59 23.10 -4.67 18.26
CA ASN E 59 23.91 -5.80 17.84
C ASN E 59 23.33 -6.57 16.65
N PHE E 60 24.23 -7.12 15.84
CA PHE E 60 23.85 -8.04 14.79
C PHE E 60 24.08 -9.47 15.26
N TYR E 61 23.14 -10.35 14.94
CA TYR E 61 23.28 -11.75 15.32
C TYR E 61 23.16 -12.66 14.11
N TYR E 62 23.88 -13.77 14.15
CA TYR E 62 23.80 -14.75 13.07
C TYR E 62 23.42 -16.11 13.62
N PHE E 63 22.23 -16.57 13.28
CA PHE E 63 21.77 -17.90 13.67
C PHE E 63 22.05 -18.85 12.52
N SER E 64 22.97 -19.78 12.75
CA SER E 64 23.50 -20.59 11.67
C SER E 64 22.49 -21.60 11.12
N LEU E 65 22.78 -22.13 9.94
CA LEU E 65 21.96 -23.14 9.30
C LEU E 65 22.77 -24.43 9.24
N ILE E 66 24.07 -24.30 9.49
CA ILE E 66 24.97 -25.44 9.52
C ILE E 66 25.44 -25.69 10.95
N PRO E 67 25.40 -26.95 11.41
CA PRO E 67 25.87 -27.30 12.76
C PRO E 67 27.38 -27.45 12.81
N LYS E 68 27.99 -27.12 13.94
CA LYS E 68 29.44 -27.29 14.12
C LYS E 68 29.76 -27.58 15.58
N THR E 69 31.00 -28.03 15.84
CA THR E 69 31.49 -28.15 17.21
C THR E 69 31.63 -26.74 17.75
N TRP E 70 31.67 -26.61 19.07
CA TRP E 70 31.73 -25.30 19.68
C TRP E 70 32.85 -24.46 19.09
N TYR E 71 34.04 -25.03 19.02
CA TYR E 71 35.21 -24.27 18.57
C TYR E 71 35.22 -23.95 17.07
N SER E 72 34.81 -24.91 16.25
CA SER E 72 34.70 -24.66 14.81
C SER E 72 33.71 -23.54 14.55
N ALA E 73 32.59 -23.56 15.27
CA ALA E 73 31.62 -22.49 15.19
C ALA E 73 32.28 -21.16 15.54
N GLU E 74 33.06 -21.16 16.62
CA GLU E 74 33.71 -19.92 17.05
C GLU E 74 34.63 -19.35 15.97
N GLN E 75 35.29 -20.22 15.21
CA GLN E 75 36.13 -19.76 14.13
C GLN E 75 35.31 -19.20 12.98
N PHE E 76 34.21 -19.87 12.64
CA PHE E 76 33.32 -19.37 11.61
C PHE E 76 32.87 -17.96 11.97
N CYS E 77 32.50 -17.78 13.23
CA CYS E 77 32.11 -16.45 13.72
C CYS E 77 33.25 -15.47 13.53
N VAL E 78 34.43 -15.86 14.02
CA VAL E 78 35.62 -15.01 13.90
C VAL E 78 35.90 -14.62 12.46
N SER E 79 35.62 -15.54 11.54
CA SER E 79 35.80 -15.26 10.12
C SER E 79 34.69 -14.36 9.56
N ARG E 80 33.67 -14.10 10.38
CA ARG E 80 32.61 -13.16 9.99
C ARG E 80 32.67 -11.91 10.88
N ASN E 81 33.86 -11.64 11.41
CA ASN E 81 34.10 -10.45 12.23
C ASN E 81 33.27 -10.41 13.50
N SER E 82 33.02 -11.57 14.10
CA SER E 82 32.23 -11.66 15.31
C SER E 82 32.69 -12.82 16.20
N HIS E 83 31.97 -13.02 17.29
CA HIS E 83 32.22 -14.15 18.17
C HIS E 83 30.91 -14.85 18.45
N LEU E 84 30.99 -16.06 19.00
CA LEU E 84 29.81 -16.70 19.53
C LEU E 84 29.24 -15.73 20.55
N THR E 85 27.92 -15.54 20.51
CA THR E 85 27.29 -14.48 21.28
C THR E 85 27.47 -14.62 22.79
N SER E 86 27.60 -13.48 23.47
CA SER E 86 27.52 -13.45 24.91
C SER E 86 26.10 -13.07 25.28
N VAL E 87 25.78 -13.13 26.57
CA VAL E 87 24.47 -12.67 27.05
C VAL E 87 24.66 -11.70 28.22
N THR E 88 24.04 -10.53 28.10
CA THR E 88 24.33 -9.43 29.00
C THR E 88 23.10 -8.85 29.69
N SER E 89 21.94 -9.47 29.46
CA SER E 89 20.70 -8.97 30.03
C SER E 89 19.54 -9.91 29.73
N GLU E 90 18.46 -9.77 30.50
CA GLU E 90 17.25 -10.56 30.28
C GLU E 90 16.67 -10.35 28.88
N SER E 91 16.69 -9.12 28.40
CA SER E 91 16.12 -8.79 27.09
C SER E 91 16.88 -9.48 25.97
N GLU E 92 18.22 -9.45 26.04
CA GLU E 92 19.05 -10.17 25.06
C GLU E 92 18.79 -11.67 25.18
N GLN E 93 18.76 -12.16 26.41
CA GLN E 93 18.45 -13.56 26.66
C GLN E 93 17.06 -13.92 26.10
N GLU E 94 16.09 -13.03 26.28
CA GLU E 94 14.75 -13.26 25.75
C GLU E 94 14.76 -13.30 24.23
N PHE E 95 15.39 -12.30 23.62
CA PHE E 95 15.55 -12.27 22.17
C PHE E 95 16.16 -13.56 21.64
N LEU E 96 17.29 -13.95 22.24
CA LEU E 96 18.00 -15.13 21.80
C LEU E 96 17.14 -16.39 21.87
N TYR E 97 16.53 -16.65 23.02
CA TYR E 97 15.77 -17.89 23.16
C TYR E 97 14.53 -17.90 22.25
N LYS E 98 13.87 -16.75 22.15
CA LYS E 98 12.71 -16.64 21.28
C LYS E 98 13.08 -16.83 19.82
N THR E 99 14.16 -16.16 19.40
CA THR E 99 14.61 -16.28 18.02
C THR E 99 15.17 -17.67 17.71
N ALA E 100 15.75 -18.31 18.73
CA ALA E 100 16.26 -19.67 18.57
C ALA E 100 15.13 -20.61 18.16
N GLY E 101 13.91 -20.29 18.55
CA GLY E 101 12.73 -20.98 18.06
C GLY E 101 12.69 -22.47 18.31
N GLY E 102 13.29 -22.92 19.41
CA GLY E 102 13.20 -24.31 19.81
C GLY E 102 14.33 -25.19 19.30
N LEU E 103 15.25 -24.60 18.56
CA LEU E 103 16.44 -25.33 18.13
C LEU E 103 17.58 -25.03 19.09
N ILE E 104 18.59 -25.89 19.12
CA ILE E 104 19.71 -25.72 20.02
C ILE E 104 20.89 -25.02 19.33
N TYR E 105 21.34 -23.92 19.93
CA TYR E 105 22.45 -23.15 19.39
C TYR E 105 23.58 -23.02 20.40
N TRP E 106 24.81 -23.28 19.97
CA TRP E 106 25.99 -22.96 20.78
C TRP E 106 25.99 -21.46 20.99
N ILE E 107 26.33 -21.03 22.20
CA ILE E 107 26.63 -19.61 22.44
C ILE E 107 28.06 -19.50 22.97
N GLY E 108 28.45 -18.30 23.44
CA GLY E 108 29.83 -18.04 23.82
C GLY E 108 30.30 -18.65 25.13
N LEU E 109 29.46 -19.47 25.76
CA LEU E 109 29.77 -20.07 27.06
C LEU E 109 30.90 -21.09 26.96
N THR E 110 31.96 -20.91 27.75
CA THR E 110 33.06 -21.88 27.79
C THR E 110 33.65 -22.06 29.19
N LYS E 111 33.88 -23.32 29.56
CA LYS E 111 34.47 -23.64 30.86
C LYS E 111 35.89 -24.18 30.72
N ALA E 112 36.86 -23.48 31.31
CA ALA E 112 38.25 -23.88 31.20
C ALA E 112 38.68 -24.74 32.38
N GLY E 113 39.02 -25.99 32.11
CA GLY E 113 39.41 -26.92 33.15
C GLY E 113 38.20 -27.55 33.81
N MET E 114 38.40 -28.71 34.43
CA MET E 114 37.29 -29.44 35.05
C MET E 114 36.69 -28.65 36.20
N GLU E 115 37.48 -27.78 36.79
CA GLU E 115 37.05 -26.98 37.94
C GLU E 115 36.76 -25.54 37.54
N GLY E 116 37.48 -25.07 36.52
CA GLY E 116 37.45 -23.68 36.10
C GLY E 116 36.09 -22.99 36.02
N ASP E 117 36.13 -21.67 35.95
CA ASP E 117 34.92 -20.85 35.89
C ASP E 117 34.37 -20.76 34.48
N TRP E 118 33.11 -20.35 34.37
CA TRP E 118 32.51 -20.11 33.06
C TRP E 118 32.87 -18.71 32.56
N SER E 119 33.15 -18.60 31.26
CA SER E 119 33.48 -17.32 30.67
C SER E 119 32.80 -17.12 29.31
N TRP E 120 32.78 -15.88 28.83
CA TRP E 120 32.33 -15.58 27.48
C TRP E 120 33.52 -15.56 26.55
N VAL E 121 33.36 -16.12 25.36
CA VAL E 121 34.45 -16.16 24.41
C VAL E 121 34.76 -14.75 23.89
N ASP E 122 33.72 -13.93 23.73
CA ASP E 122 33.93 -12.56 23.25
C ASP E 122 34.56 -11.68 24.33
N ASP E 123 34.87 -12.29 25.46
CA ASP E 123 35.56 -11.63 26.58
C ASP E 123 34.70 -10.63 27.35
N THR E 124 33.40 -10.63 27.09
CA THR E 124 32.46 -9.94 27.96
C THR E 124 32.63 -10.52 29.36
N PRO E 125 32.63 -9.65 30.39
CA PRO E 125 32.67 -10.13 31.76
C PRO E 125 31.50 -11.07 32.04
N PHE E 126 31.78 -12.17 32.73
CA PHE E 126 30.75 -13.15 33.06
C PHE E 126 30.17 -12.86 34.43
N ASN E 127 28.91 -12.42 34.46
CA ASN E 127 28.23 -12.17 35.72
C ASN E 127 27.80 -13.49 36.38
N LYS E 128 28.59 -13.94 37.35
CA LYS E 128 28.37 -15.25 37.95
C LYS E 128 26.96 -15.40 38.54
N VAL E 129 26.45 -14.36 39.17
CA VAL E 129 25.17 -14.47 39.86
C VAL E 129 23.95 -14.19 38.97
N GLN E 130 24.06 -13.21 38.09
CA GLN E 130 22.99 -12.93 37.14
C GLN E 130 22.75 -14.14 36.24
N SER E 131 23.85 -14.74 35.80
CA SER E 131 23.81 -15.80 34.81
C SER E 131 23.35 -17.14 35.37
N ALA E 132 23.06 -17.18 36.66
CA ALA E 132 22.57 -18.41 37.28
C ALA E 132 21.09 -18.68 37.00
N ARG E 133 20.34 -17.62 36.72
CA ARG E 133 18.92 -17.77 36.43
C ARG E 133 18.66 -18.03 34.95
N PHE E 134 19.73 -18.10 34.15
CA PHE E 134 19.63 -18.32 32.72
C PHE E 134 19.92 -19.78 32.33
N TRP E 135 20.37 -20.57 33.29
CA TRP E 135 20.57 -22.00 33.04
C TRP E 135 19.24 -22.72 33.16
N ILE E 136 19.07 -23.79 32.39
CA ILE E 136 17.98 -24.71 32.64
C ILE E 136 18.15 -25.24 34.05
N PRO E 137 17.07 -25.23 34.85
CA PRO E 137 17.18 -25.66 36.25
C PRO E 137 17.91 -26.99 36.37
N GLY E 138 19.01 -27.01 37.13
CA GLY E 138 19.79 -28.22 37.29
C GLY E 138 21.06 -28.23 36.44
N GLU E 139 21.21 -27.22 35.60
CA GLU E 139 22.43 -27.05 34.82
C GLU E 139 23.28 -25.93 35.42
N PRO E 140 24.60 -25.97 35.21
CA PRO E 140 25.35 -26.98 34.46
C PRO E 140 25.47 -28.28 35.24
N ASN E 141 25.17 -29.40 34.60
CA ASN E 141 25.24 -30.70 35.27
C ASN E 141 26.54 -31.46 35.01
N ASN E 142 27.37 -30.89 34.13
CA ASN E 142 28.64 -31.50 33.76
C ASN E 142 28.50 -33.00 33.50
N ALA E 143 27.46 -33.37 32.77
CA ALA E 143 27.20 -34.77 32.44
C ALA E 143 28.43 -35.45 31.86
N GLY E 144 28.89 -36.52 32.52
CA GLY E 144 30.05 -37.25 32.08
C GLY E 144 31.35 -36.53 32.38
N ASN E 145 31.25 -35.44 33.15
CA ASN E 145 32.39 -34.58 33.40
C ASN E 145 33.12 -34.19 32.13
N ASN E 146 32.37 -34.15 31.02
CA ASN E 146 32.92 -33.77 29.73
C ASN E 146 32.05 -32.73 29.04
N GLU E 147 31.48 -31.83 29.80
CA GLU E 147 30.66 -30.76 29.24
C GLU E 147 31.24 -29.41 29.62
N HIS E 148 32.07 -28.85 28.74
CA HIS E 148 32.75 -27.60 29.03
C HIS E 148 32.35 -26.47 28.09
N CYS E 149 31.27 -26.69 27.34
CA CYS E 149 30.72 -25.65 26.47
C CYS E 149 29.22 -25.54 26.68
N GLY E 150 28.70 -24.34 26.45
CA GLY E 150 27.30 -24.08 26.71
C GLY E 150 26.51 -23.68 25.47
N ASN E 151 25.23 -24.03 25.48
CA ASN E 151 24.35 -23.67 24.37
C ASN E 151 22.98 -23.21 24.86
N ILE E 152 22.25 -22.53 23.99
CA ILE E 152 20.85 -22.19 24.25
C ILE E 152 20.00 -23.38 23.83
N LYS E 153 19.12 -23.81 24.73
CA LYS E 153 18.44 -25.09 24.56
C LYS E 153 16.93 -25.02 24.84
N ALA E 154 16.58 -24.53 26.02
CA ALA E 154 15.18 -24.46 26.43
C ALA E 154 14.53 -23.16 25.93
N PRO E 155 13.23 -23.23 25.61
CA PRO E 155 12.44 -22.07 25.17
C PRO E 155 11.99 -21.24 26.36
N SER E 156 12.94 -20.67 27.10
CA SER E 156 12.62 -19.91 28.30
C SER E 156 13.84 -19.12 28.75
N LEU E 157 13.65 -18.25 29.74
CA LEU E 157 14.77 -17.54 30.33
C LEU E 157 15.74 -18.54 30.97
N GLN E 158 15.21 -19.66 31.44
CA GLN E 158 16.05 -20.75 31.90
C GLN E 158 16.37 -21.64 30.70
N ALA E 159 17.38 -21.25 29.94
CA ALA E 159 17.61 -21.80 28.60
C ALA E 159 18.92 -22.55 28.39
N TRP E 160 19.95 -22.23 29.18
CA TRP E 160 21.30 -22.76 28.92
C TRP E 160 21.48 -24.23 29.32
N ASN E 161 22.21 -24.96 28.50
CA ASN E 161 22.70 -26.29 28.84
C ASN E 161 24.19 -26.38 28.54
N ASP E 162 24.92 -27.09 29.39
CA ASP E 162 26.32 -27.40 29.09
C ASP E 162 26.36 -28.74 28.36
N ALA E 163 27.23 -28.81 27.35
CA ALA E 163 27.32 -29.98 26.49
C ALA E 163 28.77 -30.21 26.16
N PRO E 164 29.10 -31.43 25.71
CA PRO E 164 30.48 -31.71 25.30
C PRO E 164 30.89 -30.82 24.13
N CYS E 165 32.04 -30.17 24.29
CA CYS E 165 32.53 -29.18 23.34
C CYS E 165 32.60 -29.69 21.90
N ASP E 166 32.58 -31.00 21.73
CA ASP E 166 32.73 -31.61 20.43
C ASP E 166 31.39 -32.04 19.81
N LYS E 167 30.30 -31.77 20.54
CA LYS E 167 28.98 -31.97 19.98
C LYS E 167 28.80 -30.97 18.84
N THR E 168 27.93 -31.29 17.89
CA THR E 168 27.66 -30.38 16.80
C THR E 168 26.26 -29.77 16.92
N PHE E 169 26.22 -28.45 17.01
CA PHE E 169 24.95 -27.72 17.07
C PHE E 169 25.00 -26.50 16.15
N LEU E 170 23.83 -25.98 15.78
CA LEU E 170 23.77 -24.66 15.18
C LEU E 170 24.40 -23.69 16.17
N PHE E 171 24.81 -22.51 15.71
CA PHE E 171 25.47 -21.57 16.60
C PHE E 171 25.01 -20.12 16.35
N ILE E 172 25.23 -19.28 17.35
CA ILE E 172 24.84 -17.88 17.26
C ILE E 172 26.04 -16.93 17.36
N CYS E 173 26.27 -16.19 16.28
CA CYS E 173 27.33 -15.19 16.24
C CYS E 173 26.75 -13.84 16.67
N LYS E 174 27.62 -12.98 17.20
CA LYS E 174 27.22 -11.65 17.59
C LYS E 174 28.32 -10.65 17.29
N ARG E 175 27.96 -9.58 16.57
CA ARG E 175 28.87 -8.46 16.35
C ARG E 175 28.12 -7.15 16.46
N PRO E 176 28.75 -6.17 17.12
CA PRO E 176 28.14 -4.86 17.40
C PRO E 176 27.79 -4.11 16.13
N TYR E 177 26.64 -3.43 16.12
CA TYR E 177 26.34 -2.52 15.04
C TYR E 177 27.06 -1.19 15.29
N VAL E 178 27.92 -0.81 14.36
CA VAL E 178 28.54 0.51 14.41
C VAL E 178 28.27 1.28 13.11
N PRO E 179 27.69 2.47 13.23
CA PRO E 179 27.28 3.30 12.08
C PRO E 179 28.40 3.54 11.07
N SER E 180 28.05 3.48 9.79
CA SER E 180 28.99 3.72 8.71
C SER E 180 29.20 5.22 8.48
N SER F 19 17.35 35.58 -2.06
CA SER F 19 18.38 35.07 -2.97
C SER F 19 19.23 34.02 -2.28
N ALA F 20 20.03 34.45 -1.32
CA ALA F 20 20.81 33.52 -0.50
C ALA F 20 19.89 32.83 0.49
N LEU F 21 18.77 33.49 0.79
CA LEU F 21 17.73 32.89 1.61
C LEU F 21 16.93 31.92 0.75
N ASN F 22 17.06 32.06 -0.56
CA ASN F 22 16.42 31.15 -1.51
C ASN F 22 17.24 29.90 -1.76
N THR F 23 18.54 29.99 -1.54
CA THR F 23 19.43 28.86 -1.74
C THR F 23 19.36 27.90 -0.57
N LYS F 24 18.94 28.41 0.59
CA LYS F 24 18.72 27.56 1.75
C LYS F 24 17.50 26.67 1.53
N ILE F 25 16.56 27.17 0.72
CA ILE F 25 15.34 26.43 0.41
C ILE F 25 15.57 25.38 -0.68
N ARG F 26 16.31 25.78 -1.71
CA ARG F 26 16.68 24.85 -2.78
C ARG F 26 17.39 23.63 -2.19
N ALA F 27 18.28 23.90 -1.23
CA ALA F 27 19.08 22.85 -0.60
C ALA F 27 18.26 21.96 0.33
N LEU F 28 17.35 22.57 1.09
CA LEU F 28 16.45 21.78 1.93
C LEU F 28 15.52 20.96 1.05
N GLN F 29 15.09 21.54 -0.06
CA GLN F 29 14.25 20.87 -1.05
C GLN F 29 14.91 19.61 -1.61
N GLY F 30 16.14 19.75 -2.10
CA GLY F 30 16.87 18.64 -2.67
C GLY F 30 17.15 17.51 -1.68
N SER F 31 17.59 17.88 -0.48
CA SER F 31 17.83 16.91 0.58
C SER F 31 16.56 16.08 0.85
N LEU F 32 15.41 16.71 0.67
CA LEU F 32 14.13 16.02 0.90
C LEU F 32 13.83 14.98 -0.16
N GLU F 33 13.92 15.36 -1.44
CA GLU F 33 13.64 14.42 -2.52
C GLU F 33 14.66 13.29 -2.50
N ASN F 34 15.89 13.60 -2.10
CA ASN F 34 16.90 12.57 -1.90
C ASN F 34 16.45 11.55 -0.86
N MET F 35 16.14 12.04 0.34
CA MET F 35 15.73 11.16 1.43
C MET F 35 14.45 10.41 1.10
N SER F 36 13.65 10.99 0.21
CA SER F 36 12.41 10.36 -0.23
C SER F 36 12.67 9.20 -1.20
N LYS F 37 13.61 9.40 -2.11
CA LYS F 37 13.99 8.34 -3.04
C LYS F 37 14.61 7.17 -2.28
N LEU F 38 15.48 7.47 -1.33
CA LEU F 38 16.17 6.44 -0.56
C LEU F 38 15.20 5.66 0.32
N LEU F 39 14.21 6.37 0.86
CA LEU F 39 13.18 5.70 1.65
C LEU F 39 12.38 4.74 0.78
N LYS F 40 12.10 5.14 -0.46
CA LYS F 40 11.37 4.30 -1.40
C LYS F 40 12.17 3.05 -1.80
N ARG F 41 13.47 3.21 -2.04
CA ARG F 41 14.31 2.07 -2.35
C ARG F 41 14.33 1.10 -1.17
N GLN F 42 14.60 1.61 0.02
CA GLN F 42 14.63 0.80 1.23
C GLN F 42 13.33 0.02 1.39
N ASN F 43 12.21 0.68 1.14
CA ASN F 43 10.92 0.02 1.23
C ASN F 43 10.79 -1.11 0.21
N ASP F 44 11.12 -0.81 -1.04
CA ASP F 44 11.14 -1.85 -2.08
C ASP F 44 11.86 -3.08 -1.56
N ILE F 45 13.13 -2.89 -1.17
CA ILE F 45 13.97 -3.97 -0.67
C ILE F 45 13.36 -4.67 0.55
N LEU F 46 12.90 -3.88 1.51
CA LEU F 46 12.34 -4.44 2.73
C LEU F 46 11.13 -5.31 2.44
N GLN F 47 10.32 -4.89 1.48
CA GLN F 47 9.12 -5.64 1.09
C GLN F 47 9.49 -7.03 0.58
N VAL F 48 10.65 -7.15 -0.03
CA VAL F 48 11.10 -8.45 -0.56
C VAL F 48 11.88 -9.26 0.49
N VAL F 49 12.79 -8.61 1.21
CA VAL F 49 13.48 -9.26 2.32
C VAL F 49 12.45 -9.82 3.29
N SER F 50 11.33 -9.10 3.44
CA SER F 50 10.24 -9.49 4.33
C SER F 50 9.64 -10.85 4.00
N GLN F 51 9.88 -11.31 2.79
CA GLN F 51 9.30 -12.56 2.33
C GLN F 51 10.36 -13.65 2.16
N GLY F 52 11.42 -13.55 2.97
CA GLY F 52 12.43 -14.58 3.03
C GLY F 52 13.49 -14.53 1.94
N TRP F 53 13.47 -13.47 1.14
CA TRP F 53 14.51 -13.28 0.14
C TRP F 53 15.62 -12.43 0.73
N LYS F 54 16.78 -12.46 0.10
CA LYS F 54 17.89 -11.63 0.52
C LYS F 54 18.25 -10.68 -0.62
N TYR F 55 19.01 -9.63 -0.32
CA TYR F 55 19.32 -8.65 -1.34
C TYR F 55 20.79 -8.26 -1.30
N PHE F 56 21.38 -8.12 -2.49
CA PHE F 56 22.77 -7.71 -2.60
C PHE F 56 23.02 -6.98 -3.91
N LYS F 57 23.58 -5.78 -3.80
CA LYS F 57 23.97 -4.98 -4.95
C LYS F 57 23.08 -5.15 -6.19
N GLY F 58 21.82 -4.76 -6.07
CA GLY F 58 20.91 -4.70 -7.20
C GLY F 58 20.10 -5.95 -7.51
N ASN F 59 20.32 -7.01 -6.73
CA ASN F 59 19.61 -8.26 -6.98
C ASN F 59 19.08 -8.92 -5.72
N PHE F 60 17.91 -9.53 -5.83
CA PHE F 60 17.37 -10.34 -4.77
C PHE F 60 17.82 -11.77 -4.98
N TYR F 61 18.10 -12.47 -3.90
CA TYR F 61 18.53 -13.85 -3.96
C TYR F 61 17.66 -14.72 -3.06
N TYR F 62 17.46 -15.96 -3.46
CA TYR F 62 16.71 -16.89 -2.64
C TYR F 62 17.56 -18.13 -2.36
N PHE F 63 17.91 -18.31 -1.09
CA PHE F 63 18.64 -19.49 -0.66
C PHE F 63 17.61 -20.51 -0.16
N SER F 64 17.32 -21.51 -0.98
CA SER F 64 16.24 -22.44 -0.70
C SER F 64 16.40 -23.22 0.61
N LEU F 65 15.29 -23.79 1.06
CA LEU F 65 15.26 -24.62 2.27
C LEU F 65 15.08 -26.08 1.91
N ILE F 66 14.74 -26.34 0.65
CA ILE F 66 14.55 -27.70 0.18
C ILE F 66 15.50 -27.99 -1.00
N PRO F 67 16.11 -29.18 -1.02
CA PRO F 67 17.04 -29.62 -2.07
C PRO F 67 16.36 -30.17 -3.32
N LYS F 68 16.92 -29.89 -4.50
CA LYS F 68 16.39 -30.39 -5.76
C LYS F 68 17.52 -30.69 -6.75
N THR F 69 17.21 -31.42 -7.82
CA THR F 69 18.12 -31.53 -8.94
C THR F 69 18.29 -30.16 -9.56
N TRP F 70 19.37 -29.97 -10.31
CA TRP F 70 19.65 -28.68 -10.92
C TRP F 70 18.46 -28.16 -11.71
N TYR F 71 17.87 -29.01 -12.55
CA TYR F 71 16.80 -28.55 -13.42
C TYR F 71 15.51 -28.29 -12.66
N SER F 72 15.19 -29.16 -11.70
CA SER F 72 14.02 -28.95 -10.87
C SER F 72 14.17 -27.66 -10.09
N ALA F 73 15.41 -27.33 -9.74
CA ALA F 73 15.69 -26.08 -9.05
C ALA F 73 15.43 -24.89 -9.97
N GLU F 74 15.96 -24.95 -11.20
CA GLU F 74 15.73 -23.89 -12.18
C GLU F 74 14.24 -23.66 -12.43
N GLN F 75 13.47 -24.75 -12.53
CA GLN F 75 12.03 -24.64 -12.71
C GLN F 75 11.39 -23.92 -11.53
N PHE F 76 11.89 -24.23 -10.34
CA PHE F 76 11.44 -23.58 -9.11
C PHE F 76 11.69 -22.09 -9.23
N CYS F 77 12.92 -21.72 -9.60
CA CYS F 77 13.29 -20.34 -9.72
C CYS F 77 12.44 -19.59 -10.74
N VAL F 78 12.16 -20.25 -11.87
CA VAL F 78 11.37 -19.63 -12.93
C VAL F 78 9.94 -19.35 -12.44
N SER F 79 9.37 -20.30 -11.71
CA SER F 79 8.04 -20.13 -11.16
C SER F 79 7.99 -18.99 -10.14
N ARG F 80 9.15 -18.42 -9.82
CA ARG F 80 9.23 -17.26 -8.94
C ARG F 80 9.90 -16.09 -9.66
N ASN F 81 9.71 -16.02 -10.97
CA ASN F 81 10.23 -14.89 -11.76
C ASN F 81 11.74 -14.66 -11.60
N SER F 82 12.50 -15.74 -11.49
CA SER F 82 13.93 -15.62 -11.28
C SER F 82 14.69 -16.68 -12.07
N HIS F 83 15.99 -16.79 -11.81
CA HIS F 83 16.80 -17.84 -12.40
C HIS F 83 17.82 -18.33 -11.39
N LEU F 84 18.26 -19.58 -11.54
CA LEU F 84 19.37 -20.03 -10.73
C LEU F 84 20.44 -18.96 -10.90
N THR F 85 21.05 -18.56 -9.79
CA THR F 85 21.92 -17.39 -9.80
C THR F 85 23.09 -17.52 -10.76
N SER F 86 23.45 -16.42 -11.40
CA SER F 86 24.70 -16.32 -12.15
C SER F 86 25.69 -15.56 -11.28
N VAL F 87 26.98 -15.65 -11.59
CA VAL F 87 27.98 -14.94 -10.83
C VAL F 87 28.77 -14.03 -11.76
N THR F 88 28.82 -12.74 -11.42
CA THR F 88 29.31 -11.73 -12.36
C THR F 88 30.38 -10.81 -11.79
N SER F 89 30.84 -11.08 -10.56
CA SER F 89 31.87 -10.26 -9.95
C SER F 89 32.44 -10.93 -8.71
N GLU F 90 33.64 -10.54 -8.32
CA GLU F 90 34.24 -11.05 -7.10
C GLU F 90 33.31 -10.79 -5.91
N SER F 91 32.77 -9.58 -5.84
CA SER F 91 31.94 -9.18 -4.70
C SER F 91 30.65 -10.00 -4.63
N GLU F 92 30.04 -10.28 -5.77
CA GLU F 92 28.85 -11.12 -5.79
C GLU F 92 29.21 -12.55 -5.40
N GLN F 93 30.33 -13.04 -5.92
CA GLN F 93 30.83 -14.35 -5.55
C GLN F 93 31.11 -14.42 -4.05
N GLU F 94 31.56 -13.32 -3.49
CA GLU F 94 31.87 -13.24 -2.07
C GLU F 94 30.57 -13.22 -1.26
N PHE F 95 29.57 -12.50 -1.77
CA PHE F 95 28.28 -12.45 -1.09
C PHE F 95 27.66 -13.84 -1.03
N LEU F 96 27.84 -14.61 -2.09
CA LEU F 96 27.16 -15.89 -2.21
C LEU F 96 27.74 -16.98 -1.32
N TYR F 97 29.06 -17.20 -1.37
CA TYR F 97 29.66 -18.24 -0.55
C TYR F 97 29.62 -17.88 0.93
N LYS F 98 29.60 -16.59 1.24
CA LYS F 98 29.43 -16.14 2.62
C LYS F 98 28.06 -16.57 3.12
N THR F 99 27.02 -16.09 2.44
CA THR F 99 25.64 -16.38 2.83
C THR F 99 25.32 -17.87 2.81
N ALA F 100 26.06 -18.63 2.01
CA ALA F 100 25.85 -20.07 1.91
C ALA F 100 26.24 -20.75 3.22
N GLY F 101 27.12 -20.10 3.98
CA GLY F 101 27.47 -20.54 5.31
C GLY F 101 27.91 -21.99 5.40
N GLY F 102 28.62 -22.47 4.38
CA GLY F 102 29.17 -23.81 4.41
C GLY F 102 28.27 -24.84 3.77
N LEU F 103 27.01 -24.48 3.55
CA LEU F 103 26.07 -25.34 2.86
C LEU F 103 26.33 -25.28 1.36
N ILE F 104 25.96 -26.35 0.67
CA ILE F 104 26.18 -26.43 -0.78
C ILE F 104 24.91 -26.12 -1.55
N TYR F 105 25.01 -25.23 -2.53
CA TYR F 105 23.86 -24.79 -3.31
C TYR F 105 24.14 -24.84 -4.81
N TRP F 106 23.22 -25.43 -5.57
CA TRP F 106 23.26 -25.29 -7.02
C TRP F 106 23.27 -23.81 -7.40
N ILE F 107 24.03 -23.46 -8.44
CA ILE F 107 23.86 -22.14 -9.04
C ILE F 107 23.55 -22.31 -10.52
N GLY F 108 23.44 -21.20 -11.25
CA GLY F 108 23.02 -21.24 -12.64
C GLY F 108 24.02 -21.79 -13.64
N LEU F 109 25.01 -22.54 -13.16
CA LEU F 109 26.06 -23.10 -14.03
C LEU F 109 25.62 -24.39 -14.69
N THR F 110 25.69 -24.45 -16.02
CA THR F 110 25.42 -25.71 -16.70
C THR F 110 26.11 -25.79 -18.07
N LYS F 111 26.38 -27.01 -18.51
CA LYS F 111 26.92 -27.23 -19.84
C LYS F 111 25.81 -27.16 -20.89
N ALA F 112 26.05 -26.38 -21.93
CA ALA F 112 25.14 -26.33 -23.06
C ALA F 112 25.97 -26.15 -24.33
N GLY F 113 25.57 -26.83 -25.40
CA GLY F 113 26.29 -26.77 -26.65
C GLY F 113 26.80 -28.14 -27.06
N MET F 114 27.41 -28.21 -28.24
CA MET F 114 27.91 -29.47 -28.77
C MET F 114 29.26 -29.85 -28.19
N GLU F 115 29.82 -28.98 -27.35
CA GLU F 115 31.17 -29.17 -26.84
C GLU F 115 31.25 -29.11 -25.31
N GLY F 116 30.10 -28.98 -24.67
CA GLY F 116 30.06 -28.89 -23.22
C GLY F 116 30.70 -27.61 -22.70
N ASP F 117 30.30 -26.49 -23.26
CA ASP F 117 30.75 -25.18 -22.79
C ASP F 117 29.93 -24.76 -21.58
N TRP F 118 30.61 -24.30 -20.55
CA TRP F 118 29.94 -23.79 -19.36
C TRP F 118 29.20 -22.51 -19.67
N SER F 119 27.96 -22.40 -19.19
CA SER F 119 27.13 -21.23 -19.44
C SER F 119 26.27 -20.89 -18.24
N TRP F 120 25.64 -19.72 -18.27
CA TRP F 120 24.66 -19.33 -17.27
C TRP F 120 23.26 -19.52 -17.83
N VAL F 121 22.37 -20.10 -17.03
CA VAL F 121 21.00 -20.36 -17.49
C VAL F 121 20.22 -19.05 -17.68
N ASP F 122 20.52 -18.05 -16.86
CA ASP F 122 19.87 -16.76 -16.99
C ASP F 122 20.37 -15.98 -18.21
N ASP F 123 21.17 -16.66 -19.04
CA ASP F 123 21.67 -16.11 -20.30
C ASP F 123 22.74 -15.03 -20.18
N THR F 124 23.27 -14.84 -18.97
CA THR F 124 24.44 -13.99 -18.77
C THR F 124 25.61 -14.62 -19.53
N PRO F 125 26.22 -13.85 -20.45
CA PRO F 125 27.40 -14.38 -21.16
C PRO F 125 28.45 -14.86 -20.17
N PHE F 126 28.92 -16.09 -20.37
CA PHE F 126 29.91 -16.68 -19.48
C PHE F 126 31.34 -16.23 -19.83
N ASN F 127 32.01 -15.67 -18.83
CA ASN F 127 33.38 -15.22 -19.02
C ASN F 127 34.36 -16.27 -18.51
N LYS F 128 35.03 -16.94 -19.44
CA LYS F 128 35.92 -18.04 -19.10
C LYS F 128 37.12 -17.55 -18.32
N VAL F 129 37.67 -16.40 -18.72
CA VAL F 129 38.83 -15.84 -18.04
C VAL F 129 38.52 -15.47 -16.59
N GLN F 130 37.42 -14.75 -16.38
CA GLN F 130 37.01 -14.39 -15.02
C GLN F 130 36.71 -15.63 -14.19
N SER F 131 35.89 -16.52 -14.74
CA SER F 131 35.41 -17.67 -13.99
C SER F 131 36.52 -18.62 -13.58
N ALA F 132 37.66 -18.52 -14.26
CA ALA F 132 38.78 -19.41 -14.00
C ALA F 132 39.16 -19.44 -12.52
N ARG F 133 39.13 -18.28 -11.87
CA ARG F 133 39.56 -18.19 -10.47
C ARG F 133 38.41 -18.45 -9.49
N PHE F 134 37.25 -18.87 -10.01
CA PHE F 134 36.08 -19.12 -9.17
C PHE F 134 35.81 -20.60 -8.90
N TRP F 135 36.55 -21.48 -9.54
CA TRP F 135 36.41 -22.92 -9.30
C TRP F 135 37.28 -23.38 -8.13
N ILE F 136 36.91 -24.48 -7.51
CA ILE F 136 37.78 -25.15 -6.56
C ILE F 136 38.94 -25.75 -7.35
N PRO F 137 40.18 -25.51 -6.90
CA PRO F 137 41.36 -25.95 -7.66
C PRO F 137 41.22 -27.40 -8.12
N GLY F 138 41.24 -27.61 -9.43
CA GLY F 138 41.11 -28.95 -9.99
C GLY F 138 39.76 -29.22 -10.58
N GLU F 139 38.83 -28.27 -10.41
CA GLU F 139 37.50 -28.37 -10.99
C GLU F 139 37.43 -27.48 -12.23
N PRO F 140 36.56 -27.86 -13.19
CA PRO F 140 35.73 -29.06 -13.15
C PRO F 140 36.56 -30.31 -13.44
N ASN F 141 36.38 -31.36 -12.64
CA ASN F 141 37.09 -32.61 -12.90
C ASN F 141 36.23 -33.57 -13.71
N ASN F 142 34.99 -33.15 -13.99
CA ASN F 142 34.05 -33.95 -14.77
C ASN F 142 34.09 -35.42 -14.39
N ALA F 143 34.05 -35.69 -13.09
CA ALA F 143 34.09 -37.06 -12.58
C ALA F 143 33.04 -37.94 -13.25
N GLY F 144 33.49 -39.09 -13.73
CA GLY F 144 32.62 -40.05 -14.38
C GLY F 144 32.11 -39.55 -15.73
N ASN F 145 32.72 -38.48 -16.24
CA ASN F 145 32.24 -37.82 -17.43
C ASN F 145 30.75 -37.48 -17.32
N ASN F 146 30.34 -37.06 -16.13
CA ASN F 146 28.92 -36.84 -15.87
C ASN F 146 28.64 -35.69 -14.90
N GLU F 147 29.51 -34.69 -14.88
CA GLU F 147 29.29 -33.52 -14.04
C GLU F 147 29.07 -32.30 -14.92
N HIS F 148 27.81 -32.03 -15.26
CA HIS F 148 27.48 -31.02 -16.26
C HIS F 148 26.75 -29.81 -15.69
N CYS F 149 26.67 -29.72 -14.36
CA CYS F 149 26.14 -28.54 -13.71
C CYS F 149 27.08 -28.12 -12.59
N GLY F 150 26.93 -26.88 -12.12
CA GLY F 150 27.81 -26.35 -11.09
C GLY F 150 27.09 -25.85 -9.86
N ASN F 151 27.72 -26.02 -8.70
CA ASN F 151 27.19 -25.55 -7.44
C ASN F 151 28.25 -24.82 -6.63
N ILE F 152 27.83 -24.16 -5.55
CA ILE F 152 28.78 -23.53 -4.64
C ILE F 152 29.09 -24.47 -3.47
N LYS F 153 30.37 -24.64 -3.18
CA LYS F 153 30.82 -25.65 -2.23
C LYS F 153 31.77 -25.06 -1.20
N ALA F 154 33.04 -24.96 -1.57
CA ALA F 154 34.08 -24.43 -0.69
C ALA F 154 33.74 -23.03 -0.18
N PRO F 155 34.12 -22.72 1.07
CA PRO F 155 33.88 -21.40 1.65
C PRO F 155 34.97 -20.41 1.29
N SER F 156 35.21 -20.22 0.00
CA SER F 156 36.15 -19.21 -0.46
C SER F 156 35.78 -18.77 -1.86
N LEU F 157 36.52 -17.81 -2.41
CA LEU F 157 36.27 -17.36 -3.77
C LEU F 157 36.47 -18.51 -4.75
N GLN F 158 37.22 -19.52 -4.33
CA GLN F 158 37.33 -20.75 -5.08
C GLN F 158 36.29 -21.72 -4.54
N ALA F 159 35.04 -21.50 -4.93
CA ALA F 159 33.91 -22.20 -4.32
C ALA F 159 33.26 -23.22 -5.25
N TRP F 160 33.41 -23.05 -6.56
CA TRP F 160 32.64 -23.86 -7.51
C TRP F 160 33.10 -25.31 -7.61
N ASN F 161 32.12 -26.19 -7.77
CA ASN F 161 32.36 -27.59 -8.07
C ASN F 161 31.34 -28.05 -9.10
N ASP F 162 31.79 -28.87 -10.05
CA ASP F 162 30.87 -29.46 -11.01
C ASP F 162 30.38 -30.80 -10.46
N ALA F 163 29.09 -31.05 -10.59
CA ALA F 163 28.48 -32.25 -10.06
C ALA F 163 27.40 -32.72 -11.01
N PRO F 164 26.93 -33.96 -10.83
CA PRO F 164 25.85 -34.47 -11.67
C PRO F 164 24.58 -33.65 -11.51
N CYS F 165 24.04 -33.18 -12.63
CA CYS F 165 22.82 -32.37 -12.65
C CYS F 165 21.70 -33.04 -11.88
N ASP F 166 21.73 -34.37 -11.84
CA ASP F 166 20.69 -35.13 -11.17
C ASP F 166 20.92 -35.28 -9.66
N LYS F 167 22.01 -34.68 -9.16
CA LYS F 167 22.25 -34.64 -7.72
C LYS F 167 21.33 -33.58 -7.10
N THR F 168 20.93 -33.81 -5.86
CA THR F 168 20.05 -32.86 -5.18
C THR F 168 20.81 -32.00 -4.19
N PHE F 169 20.65 -30.69 -4.31
CA PHE F 169 21.24 -29.75 -3.38
C PHE F 169 20.27 -28.62 -3.11
N LEU F 170 20.51 -27.86 -2.04
CA LEU F 170 19.85 -26.58 -1.88
C LEU F 170 20.23 -25.77 -3.12
N PHE F 171 19.49 -24.71 -3.40
CA PHE F 171 19.78 -23.93 -4.60
C PHE F 171 19.57 -22.44 -4.36
N ILE F 172 20.21 -21.63 -5.20
CA ILE F 172 20.11 -20.18 -5.09
C ILE F 172 19.48 -19.56 -6.32
N CYS F 173 18.30 -18.96 -6.13
CA CYS F 173 17.62 -18.19 -7.18
C CYS F 173 18.09 -16.75 -7.15
N LYS F 174 18.07 -16.11 -8.31
CA LYS F 174 18.42 -14.70 -8.41
C LYS F 174 17.46 -13.98 -9.35
N ARG F 175 17.08 -12.76 -8.98
CA ARG F 175 16.29 -11.89 -9.85
C ARG F 175 16.69 -10.45 -9.59
N PRO F 176 16.71 -9.63 -10.66
CA PRO F 176 17.14 -8.24 -10.53
C PRO F 176 16.15 -7.40 -9.73
N TYR F 177 16.66 -6.42 -9.00
CA TYR F 177 15.80 -5.43 -8.37
C TYR F 177 15.49 -4.31 -9.34
N VAL F 178 14.22 -4.13 -9.65
CA VAL F 178 13.77 -2.99 -10.44
C VAL F 178 12.69 -2.21 -9.67
N PRO F 179 12.94 -0.92 -9.42
CA PRO F 179 12.11 -0.08 -8.57
C PRO F 179 10.66 -0.01 -9.03
N SER F 180 9.81 0.48 -8.14
CA SER F 180 8.37 0.61 -8.42
C SER F 180 8.03 2.00 -8.94
#